data_4RI8
#
_entry.id   4RI8
#
_cell.length_a   62.260
_cell.length_b   210.880
_cell.length_c   83.220
_cell.angle_alpha   90.00
_cell.angle_beta   107.61
_cell.angle_gamma   90.00
#
_symmetry.space_group_name_H-M   'P 1 21 1'
#
loop_
_entity.id
_entity.type
_entity.pdbx_description
1 polymer 'Fanconi-associated nuclease 1'
2 polymer "DNA (5'-D(*TP*TP*TP*GP*AP*GP*GP*AP*GP*TP*CP*TP*TP*T)-3')"
3 polymer "DNA (5'-D(P*GP*AP*GP*GP*CP*GP*TP*G)-3')"
4 polymer "DNA (5'-D(*AP*AP*CP*AP*CP*GP*CP*CP*TP*AP*GP*AP*CP*TP*CP*CP*TP*CP*A)-3')"
5 non-polymer 'CALCIUM ION'
#
loop_
_entity_poly.entity_id
_entity_poly.type
_entity_poly.pdbx_seq_one_letter_code
_entity_poly.pdbx_strand_id
1 'polypeptide(L)'
;GAHMTRNGPGQTTGHPYYLRSFLVVLKTVLENEDDMLLFDEQEKGIVTKFYQLSATGQKLYVRLFQRKLSWIKMTKLEYE
EIALDLTPVIEELTNAGFLQTESELQELSEVLELLSAPELKSLAKTFHLANPNGQKQQLVDAFLKLAKQRSVIGAVILKR
AKALAGQSVRICKGPRAVFSRILLLFSLTDSMEDEDAACGGQGQLSTVLLVNLGRMEFPSYTINRKTHIFQDRDDLIRYA
AATHMLSDISSAMANGNWEEAKELAQCAKRDWNRLKNHPSLRCHEDLPLFLRCFTVGWIYTRILSRFVEILQRLHMYEEA
VRELESLLSQRIYCPDSRGRWWDRLALNLHQHLKRLEPTIKCITEGLADPEVRTGHRLSLYQRAVRLRESPSCKKFKHLF
QQLPEMAVQDVKHVTITGRLCPQRGMCKSVFVMEAGEAADPTTVLCSVEELALAHYRRSGFDQGIHGEGSTFSTLYGLLL
WDIIFMDGIPDVFRNACQAFPLDLCTDSFFTSRRPALEARLQLIHDAPEESLRAWVAATWHEQEGRVASLVSWDRFTSLQ
QAQDLVSCLGGPVLSGVCRHLAADFRHCRGGLPDLVVWNSQSRHFKLVEVKGPNDRLSHKQMIWLAELQKLGAEVEVCHV
VAVGAKSQSLS
;
A,B
2 'polydeoxyribonucleotide' (DT)(DT)(DT)(DG)(DA)(DG)(DG)(DA)(DG)(DT)(DC)(DT)(DT)(DT) E,H
3 'polydeoxyribonucleotide' (DG)(DA)(DG)(DG)(DC)(DG)(DT)(DG) F,I
4 'polydeoxyribonucleotide' (DA)(DA)(DC)(DA)(DC)(DG)(DC)(DC)(DT)(DA)(DG)(DA)(DC)(DT)(DC)(DC)(DT)(DC)(DA) G,J
#
# COMPACT_ATOMS: atom_id res chain seq x y z
N THR A 13 -4.67 -5.74 17.84
CA THR A 13 -4.01 -4.70 17.00
C THR A 13 -4.66 -3.31 17.18
N GLY A 14 -4.95 -2.97 18.46
CA GLY A 14 -5.62 -1.72 18.91
C GLY A 14 -5.87 -0.52 18.01
N HIS A 15 -6.69 -0.72 16.97
CA HIS A 15 -7.07 0.37 16.08
C HIS A 15 -8.43 0.91 16.48
N PRO A 16 -8.61 2.25 16.42
CA PRO A 16 -9.93 2.79 16.73
C PRO A 16 -10.93 2.54 15.58
N TYR A 17 -12.20 2.45 15.92
CA TYR A 17 -13.25 1.99 15.00
C TYR A 17 -13.24 2.66 13.64
N TYR A 18 -13.09 3.97 13.62
CA TYR A 18 -13.15 4.67 12.36
C TYR A 18 -12.03 4.21 11.42
N LEU A 19 -10.85 3.90 11.98
CA LEU A 19 -9.75 3.39 11.17
C LEU A 19 -10.00 1.94 10.80
N ARG A 20 -10.49 1.14 11.74
CA ARG A 20 -10.76 -0.24 11.41
C ARG A 20 -11.73 -0.31 10.24
N SER A 21 -12.81 0.43 10.30
CA SER A 21 -13.85 0.41 9.27
C SER A 21 -13.35 0.92 7.94
N PHE A 22 -12.46 1.91 7.98
CA PHE A 22 -11.86 2.41 6.74
C PHE A 22 -11.03 1.33 6.05
N LEU A 23 -10.23 0.64 6.87
CA LEU A 23 -9.33 -0.38 6.40
C LEU A 23 -10.08 -1.57 5.83
N VAL A 24 -11.21 -1.93 6.44
CA VAL A 24 -12.08 -2.96 5.85
C VAL A 24 -12.54 -2.52 4.48
N VAL A 25 -12.74 -1.23 4.27
CA VAL A 25 -13.25 -0.84 2.97
C VAL A 25 -12.18 -1.01 1.91
N LEU A 26 -10.95 -0.56 2.22
CA LEU A 26 -9.86 -0.63 1.23
C LEU A 26 -9.58 -2.07 0.90
N LYS A 27 -9.54 -2.92 1.93
CA LYS A 27 -9.20 -4.31 1.70
C LYS A 27 -10.23 -5.00 0.80
N THR A 28 -11.51 -4.71 1.05
CA THR A 28 -12.58 -5.45 0.46
C THR A 28 -12.68 -5.20 -1.02
N VAL A 29 -12.22 -4.01 -1.43
CA VAL A 29 -12.34 -3.60 -2.81
C VAL A 29 -11.06 -3.93 -3.55
N LEU A 30 -9.92 -3.76 -2.86
CA LEU A 30 -8.59 -4.03 -3.43
C LEU A 30 -8.36 -5.50 -3.75
N GLU A 31 -8.90 -6.39 -2.93
CA GLU A 31 -8.83 -7.81 -3.26
C GLU A 31 -9.67 -8.27 -4.49
N ASN A 32 -10.12 -7.32 -5.30
CA ASN A 32 -10.82 -7.61 -6.55
C ASN A 32 -9.95 -7.18 -7.71
N GLU A 33 -9.54 -8.13 -8.57
CA GLU A 33 -8.81 -7.76 -9.79
C GLU A 33 -9.69 -6.90 -10.68
N ASP A 34 -10.91 -7.37 -10.94
CA ASP A 34 -11.93 -6.63 -11.69
C ASP A 34 -11.99 -5.16 -11.29
N ASP A 35 -12.10 -4.91 -10.00
CA ASP A 35 -12.24 -3.56 -9.50
C ASP A 35 -10.93 -2.78 -9.55
N MET A 36 -9.81 -3.47 -9.44
CA MET A 36 -8.54 -2.78 -9.50
C MET A 36 -8.12 -2.36 -10.89
N LEU A 37 -8.64 -3.05 -11.91
CA LEU A 37 -8.51 -2.60 -13.30
C LEU A 37 -8.94 -1.15 -13.46
N LEU A 38 -9.88 -0.73 -12.61
CA LEU A 38 -10.55 0.53 -12.74
C LEU A 38 -9.78 1.66 -12.09
N PHE A 39 -8.48 1.45 -11.88
CA PHE A 39 -7.64 2.50 -11.30
C PHE A 39 -6.32 2.63 -12.06
N ASP A 40 -5.86 3.87 -12.26
CA ASP A 40 -4.58 4.03 -12.91
C ASP A 40 -3.46 3.92 -11.87
N GLU A 41 -2.24 3.72 -12.38
CA GLU A 41 -1.05 3.52 -11.56
C GLU A 41 -0.96 4.61 -10.53
N GLN A 42 -1.01 5.84 -11.00
CA GLN A 42 -0.92 7.03 -10.18
C GLN A 42 -1.88 6.85 -9.00
N GLU A 43 -3.08 6.38 -9.32
CA GLU A 43 -4.16 6.23 -8.36
C GLU A 43 -3.81 5.16 -7.33
N LYS A 44 -3.58 3.93 -7.79
CA LYS A 44 -3.11 2.87 -6.91
C LYS A 44 -1.95 3.37 -6.03
N GLY A 45 -1.05 4.16 -6.64
CA GLY A 45 0.07 4.73 -5.91
C GLY A 45 -0.38 5.39 -4.61
N ILE A 46 -1.39 6.24 -4.74
CA ILE A 46 -1.94 6.97 -3.60
C ILE A 46 -2.44 6.00 -2.52
N VAL A 47 -3.04 4.90 -2.92
CA VAL A 47 -3.51 3.92 -1.94
C VAL A 47 -2.33 3.42 -1.11
N THR A 48 -1.27 2.96 -1.80
CA THR A 48 -0.04 2.47 -1.15
C THR A 48 0.45 3.54 -0.16
N LYS A 49 0.62 4.77 -0.66
CA LYS A 49 1.00 5.90 0.17
C LYS A 49 0.22 5.94 1.47
N PHE A 50 -1.07 5.61 1.40
CA PHE A 50 -1.86 5.58 2.63
C PHE A 50 -1.29 4.55 3.59
N TYR A 51 -1.17 3.33 3.10
CA TYR A 51 -0.64 2.21 3.85
C TYR A 51 0.77 2.44 4.41
N GLN A 52 1.53 3.30 3.75
CA GLN A 52 2.86 3.70 4.23
C GLN A 52 2.87 4.70 5.38
N LEU A 53 1.72 5.29 5.71
CA LEU A 53 1.63 6.23 6.80
C LEU A 53 1.69 5.49 8.11
N SER A 54 2.09 6.16 9.18
CA SER A 54 2.00 5.55 10.50
C SER A 54 0.53 5.31 10.80
N ALA A 55 0.23 4.68 11.93
CA ALA A 55 -1.15 4.53 12.38
C ALA A 55 -1.68 5.92 12.77
N THR A 56 -0.85 6.70 13.45
CA THR A 56 -1.20 8.07 13.84
C THR A 56 -1.61 8.88 12.61
N GLY A 57 -0.77 8.88 11.57
CA GLY A 57 -1.08 9.54 10.30
C GLY A 57 -2.40 9.09 9.70
N GLN A 58 -2.62 7.77 9.67
CA GLN A 58 -3.82 7.23 9.10
C GLN A 58 -5.04 7.61 9.92
N LYS A 59 -4.92 7.58 11.25
CA LYS A 59 -6.04 7.91 12.14
C LYS A 59 -6.53 9.30 11.79
N LEU A 60 -5.61 10.26 11.84
CA LEU A 60 -5.94 11.64 11.48
C LEU A 60 -6.61 11.72 10.11
N TYR A 61 -6.01 11.09 9.10
CA TYR A 61 -6.54 11.21 7.77
C TYR A 61 -7.97 10.74 7.69
N VAL A 62 -8.28 9.59 8.28
CA VAL A 62 -9.68 9.12 8.24
C VAL A 62 -10.58 10.19 8.83
N ARG A 63 -10.25 10.67 10.05
CA ARG A 63 -10.98 11.77 10.72
C ARG A 63 -11.21 12.93 9.78
N LEU A 64 -10.14 13.46 9.23
CA LEU A 64 -10.27 14.57 8.31
C LEU A 64 -11.07 14.18 7.06
N PHE A 65 -10.93 12.94 6.60
CA PHE A 65 -11.72 12.46 5.48
C PHE A 65 -13.22 12.55 5.79
N GLN A 66 -13.58 12.26 7.04
CA GLN A 66 -14.97 12.20 7.46
C GLN A 66 -15.58 13.58 7.73
N ARG A 67 -14.76 14.59 7.98
CA ARG A 67 -15.25 15.99 8.10
C ARG A 67 -15.66 16.52 6.73
N LYS A 68 -16.30 17.68 6.73
CA LYS A 68 -16.67 18.39 5.50
C LYS A 68 -15.40 18.81 4.78
N LEU A 69 -15.47 18.81 3.45
CA LEU A 69 -14.31 19.16 2.64
C LEU A 69 -14.14 20.67 2.51
N SER A 70 -13.22 21.21 3.30
CA SER A 70 -12.80 22.62 3.21
C SER A 70 -11.80 22.90 4.31
N TRP A 71 -11.25 24.10 4.28
CA TRP A 71 -10.23 24.47 5.25
C TRP A 71 -10.73 24.40 6.67
N ILE A 72 -9.78 24.16 7.58
CA ILE A 72 -10.08 24.05 9.00
C ILE A 72 -9.02 24.86 9.76
N LYS A 73 -9.43 25.62 10.76
CA LYS A 73 -8.47 26.31 11.62
C LYS A 73 -7.74 25.30 12.47
N MET A 74 -6.43 25.48 12.60
CA MET A 74 -5.60 24.58 13.40
C MET A 74 -6.07 24.46 14.84
N THR A 75 -6.70 25.50 15.35
CA THR A 75 -7.28 25.47 16.69
C THR A 75 -8.45 24.49 16.78
N LYS A 76 -9.22 24.37 15.70
CA LYS A 76 -10.36 23.44 15.63
C LYS A 76 -9.96 22.00 15.23
N LEU A 77 -8.74 21.61 15.59
CA LEU A 77 -8.26 20.23 15.39
C LEU A 77 -7.77 19.65 16.70
N GLU A 78 -8.53 18.71 17.24
CA GLU A 78 -8.14 18.11 18.50
C GLU A 78 -8.54 16.62 18.60
N TYR A 79 -7.52 15.78 18.67
CA TYR A 79 -7.73 14.37 18.91
C TYR A 79 -6.60 13.91 19.80
N GLU A 80 -6.80 14.05 21.11
CA GLU A 80 -5.79 13.63 22.06
C GLU A 80 -5.57 12.11 21.98
N GLU A 81 -6.59 11.39 21.52
CA GLU A 81 -6.46 9.96 21.35
C GLU A 81 -5.49 9.66 20.19
N ILE A 82 -5.31 10.65 19.30
CA ILE A 82 -4.38 10.52 18.18
C ILE A 82 -2.98 10.99 18.57
N ALA A 83 -2.90 12.23 19.04
CA ALA A 83 -1.64 12.82 19.52
C ALA A 83 -1.93 14.08 20.33
N LEU A 84 -1.21 14.26 21.42
CA LEU A 84 -1.33 15.47 22.23
C LEU A 84 -0.86 16.71 21.47
N ASP A 85 0.12 16.50 20.58
CA ASP A 85 0.60 17.54 19.67
C ASP A 85 0.54 16.97 18.27
N LEU A 86 -0.21 17.62 17.40
CA LEU A 86 -0.47 17.03 16.09
C LEU A 86 0.47 17.51 14.98
N THR A 87 1.24 18.57 15.24
CA THR A 87 2.07 19.13 14.16
C THR A 87 2.85 18.06 13.36
N PRO A 88 3.55 17.13 14.06
CA PRO A 88 4.22 16.05 13.33
C PRO A 88 3.29 15.27 12.41
N VAL A 89 2.15 14.83 12.95
CA VAL A 89 1.17 14.06 12.18
C VAL A 89 0.73 14.78 10.91
N ILE A 90 0.43 16.06 11.05
CA ILE A 90 0.03 16.90 9.93
C ILE A 90 1.16 16.97 8.92
N GLU A 91 2.35 17.32 9.42
CA GLU A 91 3.57 17.31 8.64
C GLU A 91 3.63 16.03 7.80
N GLU A 92 3.47 14.88 8.47
CA GLU A 92 3.52 13.59 7.77
C GLU A 92 2.59 13.60 6.59
N LEU A 93 1.32 13.91 6.88
CA LEU A 93 0.27 13.87 5.89
C LEU A 93 0.53 14.86 4.77
N THR A 94 1.23 15.95 5.11
CA THR A 94 1.56 16.99 4.14
C THR A 94 2.66 16.56 3.18
N ASN A 95 3.72 15.95 3.72
CA ASN A 95 4.80 15.36 2.91
C ASN A 95 4.24 14.27 2.02
N ALA A 96 3.30 13.51 2.57
CA ALA A 96 2.60 12.46 1.86
C ALA A 96 1.71 12.98 0.74
N GLY A 97 1.35 14.26 0.80
CA GLY A 97 0.53 14.88 -0.23
C GLY A 97 -0.93 14.58 -0.01
N PHE A 98 -1.29 14.28 1.24
CA PHE A 98 -2.67 13.98 1.64
C PHE A 98 -3.44 15.22 2.15
N LEU A 99 -2.69 16.17 2.69
CA LEU A 99 -3.19 17.38 3.34
C LEU A 99 -2.42 18.59 2.82
N GLN A 100 -3.06 19.76 2.84
CA GLN A 100 -2.40 21.02 2.49
C GLN A 100 -2.50 22.07 3.59
N THR A 101 -1.44 22.87 3.74
CA THR A 101 -1.36 23.90 4.79
C THR A 101 -1.76 25.25 4.24
N GLU A 102 -1.99 26.20 5.16
CA GLU A 102 -2.36 27.57 4.82
C GLU A 102 -1.47 28.13 3.72
N SER A 103 -0.23 27.64 3.70
CA SER A 103 0.73 27.98 2.68
C SER A 103 0.19 27.78 1.25
N GLU A 104 -0.65 26.77 1.03
CA GLU A 104 -1.28 26.61 -0.27
C GLU A 104 -2.62 27.30 -0.37
N LEU A 105 -3.06 27.83 0.77
CA LEU A 105 -4.29 28.61 0.83
C LEU A 105 -4.15 29.88 0.02
N GLN A 106 -4.63 29.83 -1.22
CA GLN A 106 -4.42 30.94 -2.15
C GLN A 106 -5.68 31.69 -2.57
N GLU A 107 -6.76 30.95 -2.85
CA GLU A 107 -8.03 31.57 -3.16
C GLU A 107 -8.51 32.46 -2.01
N LEU A 108 -9.09 33.60 -2.35
CA LEU A 108 -9.54 34.56 -1.36
C LEU A 108 -10.88 34.10 -0.79
N SER A 109 -11.83 33.83 -1.69
CA SER A 109 -13.16 33.34 -1.34
C SER A 109 -13.04 32.33 -0.20
N GLU A 110 -12.02 31.50 -0.31
CA GLU A 110 -11.71 30.50 0.69
C GLU A 110 -11.31 31.11 2.05
N VAL A 111 -10.34 32.03 2.04
CA VAL A 111 -9.83 32.61 3.30
C VAL A 111 -10.95 33.29 4.09
N LEU A 112 -11.83 33.97 3.36
CA LEU A 112 -12.97 34.67 3.96
C LEU A 112 -13.89 33.64 4.60
N GLU A 113 -14.17 32.59 3.84
CA GLU A 113 -14.99 31.47 4.30
C GLU A 113 -14.54 30.88 5.64
N LEU A 114 -13.23 30.79 5.81
CA LEU A 114 -12.65 30.24 7.01
C LEU A 114 -12.78 31.16 8.21
N LEU A 115 -12.96 32.45 7.96
CA LEU A 115 -13.03 33.46 9.01
C LEU A 115 -14.44 33.60 9.55
N SER A 116 -14.53 33.77 10.86
CA SER A 116 -15.82 33.87 11.55
C SER A 116 -16.50 35.20 11.24
N ALA A 117 -17.73 35.36 11.75
CA ALA A 117 -18.45 36.62 11.64
C ALA A 117 -17.71 37.79 12.34
N PRO A 118 -17.33 37.64 13.64
CA PRO A 118 -16.53 38.67 14.34
C PRO A 118 -15.14 38.95 13.74
N GLU A 119 -14.58 37.97 13.04
CA GLU A 119 -13.31 38.14 12.35
C GLU A 119 -13.49 38.87 11.03
N LEU A 120 -14.67 38.73 10.42
CA LEU A 120 -15.02 39.52 9.25
C LEU A 120 -15.28 41.00 9.62
N LYS A 121 -15.73 41.21 10.85
CA LYS A 121 -15.81 42.54 11.46
C LYS A 121 -14.43 43.19 11.53
N SER A 122 -13.52 42.62 12.32
CA SER A 122 -12.16 43.15 12.52
C SER A 122 -11.41 43.41 11.22
N LEU A 123 -11.82 42.75 10.14
CA LEU A 123 -11.22 42.98 8.84
C LEU A 123 -12.00 44.00 8.03
N ALA A 124 -13.32 44.04 8.22
CA ALA A 124 -14.13 45.12 7.65
C ALA A 124 -13.88 46.47 8.37
N LYS A 125 -13.29 46.39 9.56
CA LYS A 125 -12.93 47.56 10.39
C LYS A 125 -11.51 48.06 10.09
N THR A 126 -10.53 47.16 10.06
CA THR A 126 -9.16 47.53 9.71
C THR A 126 -9.02 47.74 8.18
N PHE A 127 -10.15 47.75 7.49
CA PHE A 127 -10.24 48.18 6.09
C PHE A 127 -11.38 49.18 5.92
N HIS A 128 -11.01 50.46 5.87
CA HIS A 128 -11.96 51.60 5.85
C HIS A 128 -13.01 51.52 4.75
N LEU A 129 -12.61 51.02 3.57
CA LEU A 129 -13.48 50.88 2.39
C LEU A 129 -14.68 49.96 2.61
N ALA A 130 -14.57 49.10 3.60
CA ALA A 130 -15.65 48.17 3.90
C ALA A 130 -16.62 48.80 4.89
N ASN A 131 -17.91 48.58 4.62
CA ASN A 131 -18.98 48.85 5.58
C ASN A 131 -18.89 47.79 6.72
N PRO A 132 -18.47 48.22 7.93
CA PRO A 132 -18.04 47.30 9.02
C PRO A 132 -19.07 46.28 9.54
N ASN A 133 -20.35 46.44 9.19
CA ASN A 133 -21.41 45.54 9.65
C ASN A 133 -22.17 44.82 8.51
N GLY A 134 -23.04 43.89 8.87
CA GLY A 134 -23.81 43.11 7.90
C GLY A 134 -23.73 41.62 8.19
N GLN A 135 -24.45 40.82 7.41
CA GLN A 135 -24.40 39.35 7.53
C GLN A 135 -23.08 38.81 6.99
N LYS A 136 -22.67 37.63 7.47
CA LYS A 136 -21.39 37.03 7.04
C LYS A 136 -21.34 36.91 5.51
N GLN A 137 -22.44 36.47 4.92
CA GLN A 137 -22.59 36.40 3.47
C GLN A 137 -22.36 37.76 2.79
N GLN A 138 -22.97 38.81 3.34
CA GLN A 138 -22.84 40.17 2.81
C GLN A 138 -21.37 40.64 2.65
N LEU A 139 -20.63 40.63 3.77
CA LEU A 139 -19.24 41.12 3.82
C LEU A 139 -18.33 40.42 2.81
N VAL A 140 -18.66 39.17 2.50
CA VAL A 140 -17.87 38.34 1.60
C VAL A 140 -17.99 38.77 0.15
N ASP A 141 -19.22 38.84 -0.36
CA ASP A 141 -19.48 39.35 -1.72
C ASP A 141 -18.75 40.68 -1.92
N ALA A 142 -18.83 41.53 -0.90
CA ALA A 142 -18.15 42.83 -0.83
C ALA A 142 -16.64 42.68 -1.01
N PHE A 143 -15.96 42.15 0.01
CA PHE A 143 -14.51 41.93 -0.02
C PHE A 143 -14.02 41.34 -1.36
N LEU A 144 -14.90 40.60 -2.03
CA LEU A 144 -14.57 39.96 -3.30
C LEU A 144 -14.69 40.89 -4.50
N LYS A 145 -15.69 41.76 -4.48
CA LYS A 145 -15.85 42.77 -5.53
C LYS A 145 -14.72 43.81 -5.54
N LEU A 146 -14.24 44.19 -4.35
CA LEU A 146 -13.13 45.15 -4.19
C LEU A 146 -11.77 44.61 -4.66
N ALA A 147 -11.48 43.36 -4.29
CA ALA A 147 -10.27 42.67 -4.71
C ALA A 147 -10.28 42.38 -6.21
N LYS A 148 -11.48 42.35 -6.79
CA LYS A 148 -11.67 42.06 -8.22
C LYS A 148 -11.25 43.24 -9.10
N GLN A 149 -11.77 44.43 -8.79
CA GLN A 149 -11.51 45.64 -9.56
C GLN A 149 -10.11 46.19 -9.30
N ARG A 150 -9.91 46.71 -8.09
CA ARG A 150 -8.61 47.17 -7.64
C ARG A 150 -7.90 45.96 -7.07
N SER A 151 -7.17 45.26 -7.95
CA SER A 151 -6.60 43.95 -7.63
C SER A 151 -5.48 43.99 -6.59
N VAL A 152 -4.70 45.07 -6.59
CA VAL A 152 -3.52 45.19 -5.72
C VAL A 152 -3.85 45.22 -4.21
N ILE A 153 -4.95 45.91 -3.86
CA ILE A 153 -5.39 45.98 -2.46
C ILE A 153 -5.99 44.65 -1.98
N GLY A 154 -6.51 43.86 -2.92
CA GLY A 154 -7.05 42.53 -2.62
C GLY A 154 -6.01 41.52 -2.17
N ALA A 155 -4.74 41.80 -2.48
CA ALA A 155 -3.61 40.99 -2.02
C ALA A 155 -3.24 41.29 -0.57
N VAL A 156 -3.38 42.56 -0.17
CA VAL A 156 -3.15 43.02 1.21
C VAL A 156 -4.25 42.47 2.13
N ILE A 157 -5.46 42.37 1.58
CA ILE A 157 -6.59 41.70 2.23
C ILE A 157 -6.22 40.25 2.51
N LEU A 158 -5.94 39.50 1.45
CA LEU A 158 -5.56 38.10 1.54
C LEU A 158 -4.51 37.86 2.63
N LYS A 159 -3.53 38.76 2.69
CA LYS A 159 -2.42 38.65 3.65
C LYS A 159 -2.91 38.71 5.11
N ARG A 160 -3.67 39.74 5.43
CA ARG A 160 -4.18 39.93 6.80
C ARG A 160 -5.31 38.94 7.11
N ALA A 161 -6.14 38.65 6.12
CA ALA A 161 -7.15 37.61 6.22
C ALA A 161 -6.47 36.32 6.65
N LYS A 162 -5.42 35.96 5.93
CA LYS A 162 -4.64 34.77 6.24
C LYS A 162 -4.02 34.80 7.64
N ALA A 163 -3.41 35.93 7.99
CA ALA A 163 -2.79 36.09 9.30
C ALA A 163 -3.85 36.07 10.40
N LEU A 164 -5.06 36.49 10.04
CA LEU A 164 -6.17 36.55 10.97
C LEU A 164 -6.79 35.16 11.18
N ALA A 165 -6.93 34.41 10.10
CA ALA A 165 -7.44 33.02 10.12
C ALA A 165 -6.58 32.10 10.98
N GLY A 166 -5.27 32.20 10.82
CA GLY A 166 -4.33 31.38 11.58
C GLY A 166 -3.77 30.26 10.74
N GLN A 167 -3.25 29.24 11.40
CA GLN A 167 -2.77 28.06 10.71
C GLN A 167 -3.95 27.16 10.37
N SER A 168 -4.01 26.72 9.12
CA SER A 168 -5.16 25.95 8.62
C SER A 168 -4.75 24.83 7.68
N VAL A 169 -5.53 23.75 7.68
CA VAL A 169 -5.25 22.60 6.84
C VAL A 169 -6.46 22.28 5.97
N ARG A 170 -6.23 21.64 4.82
CA ARG A 170 -7.34 21.08 4.05
C ARG A 170 -6.97 19.69 3.54
N ILE A 171 -7.93 18.80 3.35
CA ILE A 171 -7.68 17.54 2.66
C ILE A 171 -7.43 17.80 1.18
N CYS A 172 -6.44 17.13 0.61
CA CYS A 172 -6.19 17.28 -0.82
C CYS A 172 -7.26 16.56 -1.62
N LYS A 173 -7.72 17.20 -2.68
CA LYS A 173 -8.89 16.72 -3.38
C LYS A 173 -8.59 15.47 -4.17
N GLY A 174 -7.41 15.41 -4.77
CA GLY A 174 -7.01 14.32 -5.66
C GLY A 174 -6.98 12.97 -4.99
N PRO A 175 -6.22 12.85 -3.88
CA PRO A 175 -6.22 11.67 -3.02
C PRO A 175 -7.62 11.37 -2.51
N ARG A 176 -8.30 12.39 -2.02
CA ARG A 176 -9.68 12.25 -1.60
C ARG A 176 -10.57 11.63 -2.67
N ALA A 177 -10.49 12.14 -3.88
CA ALA A 177 -11.27 11.62 -4.98
C ALA A 177 -11.06 10.12 -5.18
N VAL A 178 -9.85 9.65 -4.91
CA VAL A 178 -9.58 8.25 -5.13
C VAL A 178 -10.31 7.40 -4.09
N PHE A 179 -10.08 7.69 -2.81
CA PHE A 179 -10.78 6.97 -1.75
C PHE A 179 -12.29 6.99 -1.93
N SER A 180 -12.82 8.13 -2.37
CA SER A 180 -14.23 8.23 -2.62
C SER A 180 -14.64 7.22 -3.63
N ARG A 181 -13.86 7.10 -4.69
CA ARG A 181 -14.20 6.16 -5.73
C ARG A 181 -14.10 4.71 -5.21
N ILE A 182 -13.15 4.41 -4.31
CA ILE A 182 -13.11 3.08 -3.68
C ILE A 182 -14.38 2.86 -2.86
N LEU A 183 -14.73 3.84 -2.05
CA LEU A 183 -15.95 3.79 -1.26
C LEU A 183 -17.18 3.51 -2.08
N LEU A 184 -17.24 4.14 -3.23
CA LEU A 184 -18.36 3.96 -4.12
C LEU A 184 -18.45 2.51 -4.53
N LEU A 185 -17.31 1.89 -4.79
CA LEU A 185 -17.30 0.53 -5.30
C LEU A 185 -17.69 -0.42 -4.21
N PHE A 186 -17.30 -0.07 -2.98
CA PHE A 186 -17.57 -0.89 -1.81
C PHE A 186 -19.06 -0.88 -1.54
N SER A 187 -19.65 0.29 -1.65
CA SER A 187 -21.01 0.54 -1.19
C SER A 187 -22.05 -0.04 -2.11
N LEU A 188 -21.70 -0.30 -3.36
CA LEU A 188 -22.65 -0.90 -4.29
C LEU A 188 -23.11 -2.24 -3.77
N THR A 189 -22.14 -3.06 -3.41
CA THR A 189 -22.40 -4.34 -2.75
C THR A 189 -22.61 -4.09 -1.25
N ASP A 190 -23.87 -3.80 -0.92
CA ASP A 190 -24.27 -3.13 0.32
C ASP A 190 -25.41 -2.13 -0.03
N SER A 191 -26.17 -2.50 -1.07
CA SER A 191 -27.10 -1.61 -1.83
C SER A 191 -26.42 -0.35 -2.35
N MET A 192 -26.12 0.58 -1.44
CA MET A 192 -25.41 1.82 -1.75
C MET A 192 -24.88 2.39 -0.42
N GLU A 193 -24.70 1.50 0.56
CA GLU A 193 -24.40 1.84 1.98
C GLU A 193 -25.51 2.67 2.68
N ASP A 194 -26.03 3.65 1.96
CA ASP A 194 -27.27 4.41 2.26
C ASP A 194 -27.61 5.22 1.00
N GLU A 195 -28.89 5.46 0.74
CA GLU A 195 -29.31 6.11 -0.51
C GLU A 195 -28.88 7.59 -0.71
N ASP A 196 -27.89 8.04 0.08
CA ASP A 196 -27.27 9.38 -0.05
C ASP A 196 -25.79 9.46 0.42
N ALA A 197 -25.37 8.54 1.30
CA ALA A 197 -24.03 8.60 1.97
C ALA A 197 -22.81 8.43 1.04
N ALA A 198 -22.56 7.21 0.57
CA ALA A 198 -21.61 6.98 -0.53
C ALA A 198 -22.27 7.22 -1.88
N CYS A 199 -23.21 8.18 -1.90
CA CYS A 199 -23.67 8.78 -3.15
C CYS A 199 -22.80 10.01 -3.45
N GLY A 200 -22.76 10.98 -2.53
CA GLY A 200 -21.94 12.18 -2.76
C GLY A 200 -21.95 13.29 -1.72
N GLY A 201 -22.43 14.47 -2.13
CA GLY A 201 -22.19 15.72 -1.42
C GLY A 201 -20.70 15.99 -1.58
N GLN A 202 -19.92 15.24 -0.79
CA GLN A 202 -18.56 14.81 -1.12
C GLN A 202 -18.32 13.58 -0.23
N GLY A 203 -18.58 12.40 -0.82
CA GLY A 203 -18.80 11.12 -0.11
C GLY A 203 -17.82 10.56 0.91
N GLN A 204 -18.40 10.10 2.03
CA GLN A 204 -17.72 9.42 3.15
C GLN A 204 -18.50 8.14 3.44
N LEU A 205 -18.16 7.44 4.52
CA LEU A 205 -18.92 6.23 4.89
C LEU A 205 -20.19 6.60 5.68
N SER A 206 -21.25 5.81 5.51
CA SER A 206 -22.44 5.99 6.33
C SER A 206 -22.09 5.88 7.80
N THR A 207 -22.85 6.55 8.65
CA THR A 207 -22.61 6.50 10.09
C THR A 207 -22.58 5.04 10.55
N VAL A 208 -23.56 4.28 10.09
CA VAL A 208 -23.68 2.89 10.48
C VAL A 208 -22.43 2.11 10.10
N LEU A 209 -21.92 2.32 8.89
CA LEU A 209 -20.71 1.61 8.49
C LEU A 209 -19.50 2.13 9.20
N LEU A 210 -19.30 3.45 9.19
CA LEU A 210 -18.17 4.03 9.87
C LEU A 210 -18.07 3.49 11.29
N VAL A 211 -19.17 3.47 12.04
CA VAL A 211 -19.10 3.00 13.40
C VAL A 211 -18.92 1.48 13.49
N ASN A 212 -19.66 0.72 12.70
CA ASN A 212 -19.71 -0.72 12.92
C ASN A 212 -18.93 -1.64 12.00
N LEU A 213 -18.58 -1.22 10.78
CA LEU A 213 -17.96 -2.15 9.81
C LEU A 213 -16.90 -3.03 10.45
N GLY A 214 -15.91 -2.42 11.09
CA GLY A 214 -14.85 -3.15 11.80
C GLY A 214 -15.26 -4.24 12.79
N ARG A 215 -16.51 -4.26 13.24
CA ARG A 215 -16.97 -5.25 14.20
C ARG A 215 -17.90 -6.25 13.60
N MET A 216 -18.42 -5.93 12.43
CA MET A 216 -19.47 -6.72 11.86
C MET A 216 -18.99 -8.08 11.44
N GLU A 217 -19.88 -9.05 11.54
CA GLU A 217 -19.63 -10.41 11.11
C GLU A 217 -20.66 -10.70 10.04
N PHE A 218 -20.22 -11.03 8.82
CA PHE A 218 -21.15 -11.27 7.71
C PHE A 218 -21.47 -12.74 7.48
N PRO A 219 -22.66 -13.06 6.95
CA PRO A 219 -22.96 -14.45 6.60
C PRO A 219 -21.85 -15.03 5.75
N SER A 220 -21.54 -16.32 5.93
CA SER A 220 -20.64 -16.99 4.97
C SER A 220 -21.32 -17.35 3.68
N TYR A 221 -20.61 -17.16 2.57
CA TYR A 221 -21.13 -17.51 1.28
C TYR A 221 -19.91 -17.54 0.39
N THR A 222 -20.04 -18.07 -0.82
CA THR A 222 -18.89 -18.17 -1.71
C THR A 222 -19.01 -17.08 -2.72
N ILE A 223 -18.04 -16.16 -2.68
CA ILE A 223 -17.85 -15.18 -3.78
C ILE A 223 -17.77 -15.92 -5.10
N ASN A 224 -18.30 -15.32 -6.16
CA ASN A 224 -18.41 -16.01 -7.42
C ASN A 224 -18.78 -15.01 -8.49
N ARG A 225 -17.79 -14.39 -9.11
CA ARG A 225 -18.03 -13.37 -10.11
C ARG A 225 -17.72 -13.91 -11.46
N LYS A 226 -18.62 -13.78 -12.41
CA LYS A 226 -18.27 -14.14 -13.77
C LYS A 226 -18.53 -12.96 -14.73
N THR A 227 -18.78 -11.78 -14.15
CA THR A 227 -19.24 -10.64 -14.95
C THR A 227 -18.70 -9.29 -14.52
N HIS A 228 -18.17 -8.56 -15.50
CA HIS A 228 -17.75 -7.18 -15.31
C HIS A 228 -18.95 -6.28 -15.30
N ILE A 229 -18.99 -5.41 -14.28
CA ILE A 229 -19.97 -4.35 -14.22
C ILE A 229 -19.45 -3.15 -15.00
N PHE A 230 -18.24 -2.71 -14.67
CA PHE A 230 -17.69 -1.55 -15.36
C PHE A 230 -16.74 -1.95 -16.50
N GLN A 231 -16.85 -1.32 -17.66
CA GLN A 231 -15.92 -1.58 -18.77
C GLN A 231 -14.49 -1.25 -18.34
N ASP A 232 -14.28 0.02 -18.01
CA ASP A 232 -12.98 0.56 -17.70
C ASP A 232 -13.11 1.62 -16.64
N ARG A 233 -11.98 2.13 -16.19
CA ARG A 233 -11.90 3.20 -15.20
C ARG A 233 -12.73 4.42 -15.64
N ASP A 234 -12.81 4.63 -16.94
CA ASP A 234 -13.65 5.68 -17.48
C ASP A 234 -15.10 5.47 -17.05
N ASP A 235 -15.64 4.35 -17.49
CA ASP A 235 -16.98 3.91 -17.14
C ASP A 235 -17.32 4.09 -15.67
N LEU A 236 -16.41 3.71 -14.77
CA LEU A 236 -16.65 3.91 -13.34
C LEU A 236 -16.71 5.40 -13.04
N ILE A 237 -15.87 6.20 -13.68
CA ILE A 237 -15.81 7.63 -13.39
C ILE A 237 -17.15 8.26 -13.76
N ARG A 238 -17.69 7.81 -14.90
CA ARG A 238 -19.01 8.22 -15.36
C ARG A 238 -20.06 7.90 -14.29
N TYR A 239 -20.20 6.62 -14.01
CA TYR A 239 -21.06 6.17 -12.95
C TYR A 239 -20.87 7.01 -11.69
N ALA A 240 -19.63 7.32 -11.30
CA ALA A 240 -19.38 8.10 -10.08
C ALA A 240 -19.87 9.55 -10.20
N ALA A 241 -19.75 10.10 -11.40
CA ALA A 241 -20.28 11.43 -11.71
C ALA A 241 -21.77 11.45 -11.42
N ALA A 242 -22.50 10.60 -12.15
CA ALA A 242 -23.98 10.52 -12.05
C ALA A 242 -24.39 10.33 -10.59
N THR A 243 -23.75 9.40 -9.90
CA THR A 243 -23.93 9.21 -8.47
C THR A 243 -23.84 10.51 -7.64
N HIS A 244 -22.83 11.31 -7.90
CA HIS A 244 -22.66 12.55 -7.15
C HIS A 244 -23.69 13.57 -7.59
N MET A 245 -24.15 13.46 -8.84
CA MET A 245 -25.23 14.29 -9.34
C MET A 245 -26.54 13.97 -8.64
N LEU A 246 -27.01 12.73 -8.80
CA LEU A 246 -28.15 12.19 -8.05
C LEU A 246 -28.09 12.52 -6.57
N SER A 247 -26.92 12.50 -5.98
CA SER A 247 -26.82 12.91 -4.60
C SER A 247 -27.17 14.36 -4.39
N ASP A 248 -26.65 15.21 -5.28
CA ASP A 248 -26.80 16.66 -5.20
C ASP A 248 -28.23 17.12 -5.34
N ILE A 249 -28.90 16.61 -6.38
CA ILE A 249 -30.34 16.79 -6.57
C ILE A 249 -31.09 16.42 -5.30
N SER A 250 -30.84 15.22 -4.78
CA SER A 250 -31.49 14.73 -3.58
C SER A 250 -31.28 15.63 -2.39
N SER A 251 -30.14 16.29 -2.34
CA SER A 251 -29.85 17.12 -1.21
C SER A 251 -30.66 18.42 -1.28
N ALA A 252 -30.81 18.92 -2.51
CA ALA A 252 -31.62 20.08 -2.77
C ALA A 252 -33.05 19.82 -2.33
N MET A 253 -33.70 18.84 -2.97
CA MET A 253 -35.05 18.42 -2.58
C MET A 253 -35.25 18.35 -1.07
N ALA A 254 -34.25 17.82 -0.36
CA ALA A 254 -34.36 17.61 1.06
C ALA A 254 -34.30 18.89 1.84
N ASN A 255 -33.78 19.96 1.26
CA ASN A 255 -33.69 21.26 1.95
C ASN A 255 -34.72 22.29 1.49
N GLY A 256 -35.46 21.93 0.46
CA GLY A 256 -36.51 22.77 -0.05
C GLY A 256 -36.03 23.58 -1.24
N ASN A 257 -34.76 23.45 -1.61
CA ASN A 257 -34.25 24.24 -2.72
C ASN A 257 -34.67 23.70 -4.09
N TRP A 258 -35.99 23.68 -4.31
CA TRP A 258 -36.62 23.04 -5.45
C TRP A 258 -36.23 23.59 -6.81
N GLU A 259 -35.95 24.89 -6.85
CA GLU A 259 -35.54 25.52 -8.09
C GLU A 259 -34.14 25.06 -8.47
N GLU A 260 -33.20 25.25 -7.56
CA GLU A 260 -31.86 24.70 -7.71
C GLU A 260 -31.94 23.27 -8.22
N ALA A 261 -32.74 22.45 -7.53
CA ALA A 261 -32.92 21.05 -7.87
C ALA A 261 -33.34 20.85 -9.31
N LYS A 262 -34.15 21.75 -9.83
CA LYS A 262 -34.59 21.64 -11.21
C LYS A 262 -33.38 21.87 -12.17
N GLU A 263 -32.66 22.98 -12.00
CA GLU A 263 -31.49 23.28 -12.85
C GLU A 263 -30.62 22.04 -12.93
N LEU A 264 -30.32 21.47 -11.76
CA LEU A 264 -29.50 20.29 -11.64
C LEU A 264 -30.03 19.14 -12.48
N ALA A 265 -31.32 18.87 -12.34
CA ALA A 265 -31.98 17.79 -13.07
C ALA A 265 -31.90 17.93 -14.60
N GLN A 266 -32.07 19.15 -15.10
CA GLN A 266 -32.05 19.36 -16.53
C GLN A 266 -30.63 19.18 -16.99
N CYS A 267 -29.71 19.78 -16.25
CA CYS A 267 -28.31 19.66 -16.52
C CYS A 267 -27.96 18.18 -16.64
N ALA A 268 -28.42 17.41 -15.65
CA ALA A 268 -28.30 15.96 -15.68
C ALA A 268 -28.99 15.28 -16.88
N LYS A 269 -30.18 15.78 -17.25
CA LYS A 269 -30.91 15.17 -18.38
C LYS A 269 -30.14 15.29 -19.68
N ARG A 270 -29.50 16.44 -19.89
CA ARG A 270 -28.77 16.62 -21.12
C ARG A 270 -27.46 15.82 -21.10
N ASP A 271 -26.83 15.76 -19.94
CA ASP A 271 -25.59 14.99 -19.77
C ASP A 271 -25.82 13.57 -20.21
N TRP A 272 -26.90 12.97 -19.72
CA TRP A 272 -27.34 11.64 -20.07
C TRP A 272 -27.68 11.50 -21.57
N ASN A 273 -28.12 12.58 -22.19
CA ASN A 273 -28.48 12.50 -23.61
C ASN A 273 -27.28 12.51 -24.53
N ARG A 274 -26.16 13.02 -24.02
CA ARG A 274 -24.88 12.94 -24.72
C ARG A 274 -24.46 11.48 -24.73
N LEU A 275 -24.41 10.88 -23.56
CA LEU A 275 -23.96 9.49 -23.39
C LEU A 275 -24.83 8.43 -24.07
N LYS A 276 -25.99 8.84 -24.58
CA LYS A 276 -26.98 7.92 -25.16
C LYS A 276 -26.37 6.86 -26.07
N ASN A 277 -25.37 7.28 -26.84
CA ASN A 277 -24.86 6.47 -27.91
C ASN A 277 -23.64 5.67 -27.48
N HIS A 278 -22.98 6.14 -26.42
CA HIS A 278 -21.71 5.55 -25.97
C HIS A 278 -21.74 4.02 -25.91
N PRO A 279 -20.66 3.37 -26.41
CA PRO A 279 -20.58 1.91 -26.50
C PRO A 279 -20.75 1.18 -25.14
N SER A 280 -20.20 1.74 -24.06
CA SER A 280 -20.33 1.10 -22.75
C SER A 280 -21.77 0.65 -22.49
N LEU A 281 -22.73 1.46 -22.91
CA LEU A 281 -24.15 1.19 -22.65
C LEU A 281 -24.63 -0.14 -23.24
N ARG A 282 -24.27 -0.43 -24.51
CA ARG A 282 -24.64 -1.72 -25.13
C ARG A 282 -24.38 -2.88 -24.16
N CYS A 283 -23.22 -2.84 -23.48
CA CYS A 283 -22.85 -3.85 -22.50
C CYS A 283 -23.70 -3.78 -21.24
N HIS A 284 -23.93 -2.57 -20.73
CA HIS A 284 -24.74 -2.39 -19.52
C HIS A 284 -26.11 -2.99 -19.76
N GLU A 285 -26.73 -2.57 -20.87
CA GLU A 285 -28.02 -3.08 -21.31
C GLU A 285 -28.08 -4.61 -21.26
N ASP A 286 -26.93 -5.23 -21.45
CA ASP A 286 -26.82 -6.69 -21.57
C ASP A 286 -26.72 -7.41 -20.24
N LEU A 287 -26.34 -6.69 -19.16
CA LEU A 287 -26.17 -7.21 -17.82
C LEU A 287 -27.51 -7.68 -17.30
N PRO A 288 -27.51 -8.68 -16.40
CA PRO A 288 -28.76 -9.07 -15.71
C PRO A 288 -29.28 -7.90 -14.89
N LEU A 289 -30.57 -7.87 -14.59
CA LEU A 289 -31.10 -6.76 -13.83
C LEU A 289 -30.40 -6.57 -12.48
N PHE A 290 -30.12 -7.64 -11.74
CA PHE A 290 -29.54 -7.40 -10.42
C PHE A 290 -28.20 -6.68 -10.48
N LEU A 291 -27.63 -6.60 -11.67
CA LEU A 291 -26.36 -5.88 -11.84
C LEU A 291 -26.51 -4.55 -12.59
N ARG A 292 -27.58 -4.44 -13.39
CA ARG A 292 -27.74 -3.31 -14.30
C ARG A 292 -27.96 -2.02 -13.52
N CYS A 293 -28.50 -2.18 -12.32
CA CYS A 293 -28.73 -1.04 -11.44
C CYS A 293 -27.45 -0.33 -11.03
N PHE A 294 -26.30 -0.94 -11.32
CA PHE A 294 -25.03 -0.28 -11.05
C PHE A 294 -24.38 0.28 -12.30
N THR A 295 -25.16 0.94 -13.15
CA THR A 295 -24.59 1.54 -14.35
C THR A 295 -24.97 3.00 -14.46
N VAL A 296 -24.27 3.79 -15.29
CA VAL A 296 -24.68 5.18 -15.50
C VAL A 296 -26.16 5.30 -15.79
N GLY A 297 -26.61 4.58 -16.83
CA GLY A 297 -27.98 4.67 -17.36
C GLY A 297 -29.07 4.51 -16.32
N TRP A 298 -28.88 3.56 -15.43
CA TRP A 298 -29.79 3.38 -14.33
C TRP A 298 -29.73 4.60 -13.41
N ILE A 299 -28.55 5.04 -12.99
CA ILE A 299 -28.51 6.22 -12.11
C ILE A 299 -29.23 7.39 -12.76
N TYR A 300 -29.00 7.64 -14.04
CA TYR A 300 -29.61 8.78 -14.69
C TYR A 300 -31.12 8.62 -14.69
N THR A 301 -31.59 7.41 -14.96
CA THR A 301 -33.01 7.17 -14.96
C THR A 301 -33.51 7.51 -13.57
N ARG A 302 -32.82 7.07 -12.54
CA ARG A 302 -33.27 7.45 -11.21
C ARG A 302 -33.37 8.97 -11.04
N ILE A 303 -32.40 9.70 -11.57
CA ILE A 303 -32.41 11.16 -11.55
C ILE A 303 -33.70 11.62 -12.21
N LEU A 304 -33.97 11.12 -13.42
CA LEU A 304 -35.17 11.51 -14.16
C LEU A 304 -36.42 11.32 -13.32
N SER A 305 -36.46 10.23 -12.56
CA SER A 305 -37.58 9.99 -11.67
C SER A 305 -37.69 11.05 -10.59
N ARG A 306 -36.58 11.47 -10.02
CA ARG A 306 -36.56 12.61 -9.12
C ARG A 306 -37.02 13.88 -9.84
N PHE A 307 -36.60 14.01 -11.09
CA PHE A 307 -36.98 15.14 -11.89
C PHE A 307 -38.51 15.25 -11.85
N VAL A 308 -39.22 14.17 -12.17
CA VAL A 308 -40.68 14.18 -12.14
C VAL A 308 -41.28 14.48 -10.77
N GLU A 309 -40.57 14.19 -9.69
CA GLU A 309 -41.06 14.62 -8.38
C GLU A 309 -40.87 16.10 -8.19
N ILE A 310 -39.85 16.67 -8.81
CA ILE A 310 -39.60 18.09 -8.70
C ILE A 310 -40.61 18.85 -9.57
N LEU A 311 -40.86 18.34 -10.77
CA LEU A 311 -41.83 18.92 -11.67
C LEU A 311 -43.22 19.01 -11.06
N GLN A 312 -43.61 17.96 -10.35
CA GLN A 312 -44.85 17.96 -9.59
C GLN A 312 -44.87 18.95 -8.44
N ARG A 313 -43.75 19.07 -7.72
CA ARG A 313 -43.69 19.98 -6.59
C ARG A 313 -43.83 21.45 -7.04
N LEU A 314 -43.30 21.75 -8.23
CA LEU A 314 -43.47 23.07 -8.83
C LEU A 314 -44.74 23.16 -9.68
N HIS A 315 -45.69 22.28 -9.37
CA HIS A 315 -47.00 22.20 -10.04
C HIS A 315 -46.94 22.26 -11.58
N MET A 316 -45.85 21.77 -12.16
CA MET A 316 -45.68 21.76 -13.63
C MET A 316 -46.02 20.37 -14.16
N TYR A 317 -47.30 20.06 -14.21
CA TYR A 317 -47.77 18.72 -14.48
C TYR A 317 -47.73 18.24 -15.94
N GLU A 318 -47.82 19.14 -16.93
CA GLU A 318 -47.76 18.71 -18.33
C GLU A 318 -46.39 18.14 -18.60
N GLU A 319 -45.43 18.65 -17.85
CA GLU A 319 -44.01 18.35 -18.03
C GLU A 319 -43.61 17.09 -17.29
N ALA A 320 -44.11 16.96 -16.05
CA ALA A 320 -44.06 15.71 -15.32
C ALA A 320 -44.66 14.59 -16.20
N VAL A 321 -45.83 14.82 -16.78
CA VAL A 321 -46.44 13.82 -17.67
C VAL A 321 -45.57 13.48 -18.90
N ARG A 322 -44.82 14.44 -19.43
CA ARG A 322 -43.91 14.14 -20.54
C ARG A 322 -42.80 13.18 -20.07
N GLU A 323 -42.11 13.57 -19.00
CA GLU A 323 -41.01 12.77 -18.48
C GLU A 323 -41.45 11.36 -18.10
N LEU A 324 -42.68 11.26 -17.57
CA LEU A 324 -43.29 9.98 -17.18
C LEU A 324 -43.58 9.10 -18.38
N GLU A 325 -44.00 9.72 -19.48
CA GLU A 325 -44.30 8.94 -20.65
C GLU A 325 -42.98 8.51 -21.21
N SER A 326 -42.01 9.41 -21.12
CA SER A 326 -40.66 9.15 -21.64
C SER A 326 -40.02 7.97 -20.93
N LEU A 327 -39.97 8.00 -19.59
CA LEU A 327 -39.49 6.85 -18.84
C LEU A 327 -40.20 5.57 -19.26
N LEU A 328 -41.52 5.58 -19.25
CA LEU A 328 -42.31 4.37 -19.45
C LEU A 328 -42.19 3.82 -20.89
N SER A 329 -41.50 4.58 -21.74
CA SER A 329 -41.34 4.21 -23.15
C SER A 329 -40.16 3.26 -23.40
N GLN A 330 -39.45 2.89 -22.32
CA GLN A 330 -38.26 2.05 -22.40
C GLN A 330 -38.25 1.08 -21.25
N ARG A 331 -37.88 -0.17 -21.53
CA ARG A 331 -37.90 -1.19 -20.48
C ARG A 331 -36.48 -1.51 -19.92
N ILE A 332 -35.44 -0.85 -20.44
CA ILE A 332 -34.06 -1.14 -20.07
C ILE A 332 -33.76 -0.76 -18.61
N TYR A 333 -34.30 0.36 -18.16
CA TYR A 333 -33.98 0.85 -16.85
C TYR A 333 -35.13 0.85 -15.86
N CYS A 334 -34.78 0.71 -14.58
CA CYS A 334 -35.72 0.76 -13.52
C CYS A 334 -37.07 0.04 -13.74
N PRO A 335 -37.07 -1.14 -14.39
CA PRO A 335 -38.41 -1.66 -14.68
C PRO A 335 -39.29 -1.82 -13.43
N ASP A 336 -38.68 -2.09 -12.28
CA ASP A 336 -39.43 -2.17 -11.02
C ASP A 336 -40.22 -0.88 -10.73
N SER A 337 -39.68 0.27 -11.14
CA SER A 337 -40.31 1.59 -10.95
C SER A 337 -41.53 1.88 -11.82
N ARG A 338 -41.87 0.99 -12.75
CA ARG A 338 -42.97 1.28 -13.67
C ARG A 338 -44.29 1.45 -12.95
N GLY A 339 -44.53 0.64 -11.92
CA GLY A 339 -45.73 0.77 -11.11
C GLY A 339 -45.87 2.21 -10.64
N ARG A 340 -44.88 2.71 -9.89
CA ARG A 340 -44.87 4.07 -9.43
C ARG A 340 -45.14 5.03 -10.57
N TRP A 341 -44.55 4.79 -11.72
CA TRP A 341 -44.75 5.65 -12.89
C TRP A 341 -46.19 5.67 -13.42
N TRP A 342 -46.68 4.52 -13.88
CA TRP A 342 -48.03 4.41 -14.39
C TRP A 342 -49.01 5.05 -13.43
N ASP A 343 -48.93 4.63 -12.17
CA ASP A 343 -49.74 5.18 -11.10
C ASP A 343 -49.69 6.70 -11.11
N ARG A 344 -48.48 7.22 -11.12
CA ARG A 344 -48.25 8.63 -10.99
C ARG A 344 -48.70 9.35 -12.26
N LEU A 345 -48.48 8.70 -13.40
CA LEU A 345 -48.99 9.20 -14.66
C LEU A 345 -50.50 9.41 -14.56
N ALA A 346 -51.22 8.33 -14.26
CA ALA A 346 -52.68 8.34 -14.10
C ALA A 346 -53.16 9.44 -13.14
N LEU A 347 -52.63 9.48 -11.92
CA LEU A 347 -52.95 10.57 -10.98
C LEU A 347 -52.72 11.98 -11.56
N ASN A 348 -51.65 12.18 -12.33
CA ASN A 348 -51.41 13.50 -12.92
C ASN A 348 -52.43 13.81 -14.00
N LEU A 349 -52.64 12.86 -14.90
CA LEU A 349 -53.60 13.03 -15.95
C LEU A 349 -55.02 13.26 -15.42
N HIS A 350 -55.47 12.44 -14.48
CA HIS A 350 -56.84 12.52 -13.99
C HIS A 350 -57.09 13.73 -13.11
N GLN A 351 -56.19 13.97 -12.17
CA GLN A 351 -56.48 14.94 -11.13
C GLN A 351 -55.89 16.34 -11.36
N HIS A 352 -54.84 16.40 -12.16
CA HIS A 352 -54.16 17.68 -12.41
C HIS A 352 -54.33 18.17 -13.84
N LEU A 353 -54.65 17.27 -14.77
CA LEU A 353 -54.79 17.64 -16.18
C LEU A 353 -56.17 17.28 -16.73
N LYS A 354 -57.02 16.74 -15.87
CA LYS A 354 -58.41 16.49 -16.21
C LYS A 354 -58.63 15.88 -17.61
N ARG A 355 -57.63 15.23 -18.15
CA ARG A 355 -57.76 14.66 -19.49
C ARG A 355 -58.08 13.19 -19.38
N LEU A 356 -59.37 12.87 -19.48
CA LEU A 356 -59.88 11.54 -19.14
C LEU A 356 -59.61 10.48 -20.20
N GLU A 357 -59.68 10.85 -21.47
CA GLU A 357 -59.34 9.92 -22.56
C GLU A 357 -57.92 9.34 -22.36
N PRO A 358 -56.91 10.21 -22.20
CA PRO A 358 -55.56 9.71 -21.93
C PRO A 358 -55.42 9.02 -20.56
N THR A 359 -56.19 9.46 -19.57
CA THR A 359 -56.24 8.81 -18.27
C THR A 359 -56.69 7.34 -18.37
N ILE A 360 -57.62 7.04 -19.28
CA ILE A 360 -58.05 5.65 -19.49
C ILE A 360 -56.98 4.78 -20.18
N LYS A 361 -56.38 5.28 -21.26
CA LYS A 361 -55.34 4.55 -21.97
C LYS A 361 -54.22 4.23 -21.00
N CYS A 362 -53.71 5.28 -20.36
CA CYS A 362 -52.76 5.20 -19.27
C CYS A 362 -53.06 3.96 -18.42
N ILE A 363 -54.16 4.00 -17.65
CA ILE A 363 -54.58 2.87 -16.86
C ILE A 363 -54.58 1.54 -17.64
N THR A 364 -55.19 1.48 -18.84
CA THR A 364 -55.24 0.21 -19.58
C THR A 364 -53.86 -0.42 -19.75
N GLU A 365 -52.91 0.35 -20.32
CA GLU A 365 -51.54 -0.14 -20.52
C GLU A 365 -50.87 -0.53 -19.20
N GLY A 366 -50.95 0.38 -18.23
CA GLY A 366 -50.50 0.15 -16.87
C GLY A 366 -50.85 -1.24 -16.39
N LEU A 367 -52.12 -1.62 -16.48
CA LEU A 367 -52.55 -2.93 -16.02
C LEU A 367 -52.13 -4.10 -16.91
N ALA A 368 -51.74 -3.81 -18.14
CA ALA A 368 -51.27 -4.89 -19.03
C ALA A 368 -49.79 -5.22 -18.79
N ASP A 369 -49.08 -4.29 -18.14
CA ASP A 369 -47.65 -4.40 -17.83
C ASP A 369 -47.35 -5.36 -16.67
N PRO A 370 -46.67 -6.49 -16.96
CA PRO A 370 -46.39 -7.49 -15.92
C PRO A 370 -45.46 -6.98 -14.82
N GLU A 371 -44.88 -5.80 -15.04
CA GLU A 371 -43.96 -5.21 -14.10
C GLU A 371 -44.64 -4.31 -13.09
N VAL A 372 -45.96 -4.15 -13.22
CA VAL A 372 -46.68 -3.40 -12.19
C VAL A 372 -47.30 -4.40 -11.23
N ARG A 373 -47.24 -4.14 -9.92
CA ARG A 373 -47.65 -5.17 -8.95
C ARG A 373 -48.31 -4.59 -7.72
N THR A 374 -48.85 -5.48 -6.91
CA THR A 374 -49.35 -5.14 -5.57
C THR A 374 -49.97 -3.72 -5.52
N GLY A 375 -49.45 -2.85 -4.65
CA GLY A 375 -49.95 -1.47 -4.49
C GLY A 375 -50.34 -0.71 -5.76
N HIS A 376 -49.38 -0.45 -6.62
CA HIS A 376 -49.64 0.27 -7.83
C HIS A 376 -50.49 -0.49 -8.82
N ARG A 377 -50.60 -1.79 -8.69
CA ARG A 377 -51.49 -2.47 -9.62
C ARG A 377 -52.90 -2.29 -9.11
N LEU A 378 -53.08 -2.28 -7.79
CA LEU A 378 -54.40 -2.09 -7.16
C LEU A 378 -54.90 -0.64 -7.31
N SER A 379 -54.01 0.30 -7.01
CA SER A 379 -54.26 1.70 -7.22
C SER A 379 -54.77 1.99 -8.65
N LEU A 380 -54.08 1.47 -9.67
CA LEU A 380 -54.52 1.65 -11.05
C LEU A 380 -55.92 1.07 -11.29
N TYR A 381 -56.19 -0.11 -10.74
CA TYR A 381 -57.51 -0.74 -10.86
C TYR A 381 -58.58 0.05 -10.12
N GLN A 382 -58.22 0.56 -8.96
CA GLN A 382 -59.15 1.31 -8.15
C GLN A 382 -59.47 2.66 -8.74
N ARG A 383 -58.55 3.21 -9.54
CA ARG A 383 -58.86 4.41 -10.25
C ARG A 383 -59.75 4.06 -11.45
N ALA A 384 -59.50 2.90 -12.03
CA ALA A 384 -60.31 2.39 -13.14
C ALA A 384 -61.79 2.20 -12.79
N VAL A 385 -62.09 1.76 -11.56
CA VAL A 385 -63.50 1.62 -11.15
C VAL A 385 -64.10 3.00 -10.92
N ARG A 386 -63.38 3.83 -10.17
CA ARG A 386 -63.77 5.22 -9.93
C ARG A 386 -64.23 5.92 -11.22
N LEU A 387 -63.47 5.75 -12.30
CA LEU A 387 -63.81 6.29 -13.62
C LEU A 387 -65.09 5.70 -14.21
N ARG A 388 -65.08 4.45 -14.67
CA ARG A 388 -66.27 3.86 -15.34
C ARG A 388 -67.52 3.78 -14.45
N GLU A 389 -67.37 4.16 -13.19
CA GLU A 389 -68.50 4.35 -12.29
C GLU A 389 -68.43 5.76 -11.73
N SER A 390 -68.68 6.73 -12.62
CA SER A 390 -68.71 8.17 -12.31
C SER A 390 -69.55 8.89 -13.35
N PRO A 391 -70.35 9.89 -12.89
CA PRO A 391 -71.24 10.61 -13.81
C PRO A 391 -70.46 11.24 -14.96
N SER A 392 -69.37 11.90 -14.63
CA SER A 392 -68.61 12.68 -15.60
C SER A 392 -67.80 11.82 -16.56
N CYS A 393 -68.27 10.60 -16.80
CA CYS A 393 -67.54 9.64 -17.62
C CYS A 393 -68.44 8.79 -18.48
N LYS A 394 -69.73 8.81 -18.17
CA LYS A 394 -70.71 7.90 -18.78
C LYS A 394 -70.75 7.94 -20.32
N LYS A 395 -69.88 8.75 -20.91
CA LYS A 395 -69.76 8.89 -22.36
C LYS A 395 -68.87 7.83 -23.03
N PHE A 396 -68.71 6.68 -22.39
CA PHE A 396 -67.83 5.62 -22.90
C PHE A 396 -68.18 4.23 -22.34
N LYS A 397 -67.86 3.17 -23.09
CA LYS A 397 -67.99 1.79 -22.61
C LYS A 397 -66.66 1.04 -22.74
N HIS A 398 -65.58 1.78 -22.49
CA HIS A 398 -64.22 1.31 -22.78
C HIS A 398 -63.39 0.98 -21.52
N LEU A 399 -64.03 1.00 -20.35
CA LEU A 399 -63.46 0.38 -19.13
C LEU A 399 -64.32 -0.78 -18.59
N PHE A 400 -65.48 -1.00 -19.21
CA PHE A 400 -66.24 -2.24 -19.05
C PHE A 400 -65.45 -3.36 -19.75
N GLN A 401 -64.49 -2.95 -20.59
CA GLN A 401 -63.58 -3.85 -21.28
C GLN A 401 -62.78 -4.70 -20.30
N GLN A 402 -63.08 -6.00 -20.30
CA GLN A 402 -62.38 -7.01 -19.52
C GLN A 402 -61.44 -6.46 -18.42
N LEU A 403 -62.04 -6.04 -17.32
CA LEU A 403 -61.28 -5.72 -16.12
C LEU A 403 -61.22 -6.95 -15.24
N PRO A 404 -59.99 -7.50 -15.02
CA PRO A 404 -59.84 -8.57 -14.04
C PRO A 404 -60.39 -8.07 -12.70
N GLU A 405 -61.66 -8.36 -12.45
CA GLU A 405 -62.41 -7.76 -11.33
C GLU A 405 -61.82 -8.18 -9.97
N MET A 406 -60.64 -7.61 -9.70
CA MET A 406 -59.79 -7.86 -8.54
C MET A 406 -60.44 -7.36 -7.24
N ALA A 407 -61.39 -8.15 -6.73
CA ALA A 407 -62.09 -7.83 -5.48
C ALA A 407 -61.31 -8.31 -4.25
N VAL A 408 -60.36 -7.51 -3.75
CA VAL A 408 -59.61 -7.78 -2.51
C VAL A 408 -60.59 -8.06 -1.37
N GLN A 409 -60.52 -9.29 -0.83
CA GLN A 409 -61.49 -9.78 0.16
C GLN A 409 -61.57 -8.85 1.36
N ASP A 410 -62.79 -8.63 1.84
CA ASP A 410 -63.02 -7.68 2.92
C ASP A 410 -62.68 -8.22 4.31
N VAL A 411 -62.28 -7.29 5.18
CA VAL A 411 -61.60 -7.59 6.41
C VAL A 411 -62.30 -7.01 7.62
N LYS A 412 -62.15 -7.69 8.74
CA LYS A 412 -62.73 -7.29 10.02
C LYS A 412 -62.06 -6.04 10.59
N HIS A 413 -62.81 -4.95 10.66
CA HIS A 413 -62.33 -3.74 11.31
C HIS A 413 -62.84 -3.70 12.74
N VAL A 414 -62.29 -2.78 13.52
CA VAL A 414 -62.58 -2.67 14.97
C VAL A 414 -62.17 -1.28 15.40
N THR A 415 -62.82 -0.75 16.44
CA THR A 415 -62.46 0.57 16.98
C THR A 415 -62.25 0.61 18.49
N ILE A 416 -61.09 1.10 18.91
CA ILE A 416 -60.83 1.40 20.32
C ILE A 416 -60.59 2.90 20.49
N THR A 417 -60.45 3.35 21.73
CA THR A 417 -60.21 4.77 22.01
C THR A 417 -59.03 4.95 22.98
N GLY A 418 -58.56 6.19 23.06
CA GLY A 418 -57.46 6.54 23.96
C GLY A 418 -57.39 8.05 24.04
N ARG A 419 -56.82 8.55 25.13
CA ARG A 419 -56.75 10.00 25.36
C ARG A 419 -55.49 10.61 24.74
N LEU A 420 -55.71 11.41 23.70
CA LEU A 420 -54.64 12.12 22.99
C LEU A 420 -53.84 13.04 23.90
N CYS A 421 -52.60 13.34 23.49
CA CYS A 421 -51.68 14.14 24.29
C CYS A 421 -51.66 15.61 23.87
N LYS A 428 -45.47 12.35 15.53
CA LYS A 428 -46.17 11.09 15.74
C LYS A 428 -47.12 11.14 16.95
N SER A 429 -48.34 10.62 16.76
CA SER A 429 -49.42 10.66 17.77
C SER A 429 -49.04 10.06 19.12
N VAL A 430 -49.09 10.89 20.16
CA VAL A 430 -48.83 10.49 21.54
C VAL A 430 -50.17 10.28 22.24
N PHE A 431 -50.25 9.21 23.02
CA PHE A 431 -51.41 8.92 23.86
C PHE A 431 -50.99 8.81 25.32
N VAL A 432 -51.96 8.67 26.22
CA VAL A 432 -51.68 8.45 27.65
C VAL A 432 -52.44 7.21 28.10
N MET A 433 -51.96 6.57 29.17
CA MET A 433 -52.59 5.34 29.68
C MET A 433 -52.54 5.15 31.20
N VAL A 444 -47.96 7.80 32.17
CA VAL A 444 -47.11 7.20 31.15
C VAL A 444 -47.69 7.41 29.73
N LEU A 445 -46.81 7.84 28.82
CA LEU A 445 -47.19 8.16 27.44
C LEU A 445 -46.85 7.01 26.49
N CYS A 446 -47.60 6.86 25.42
CA CYS A 446 -47.41 5.73 24.52
C CYS A 446 -47.83 5.98 23.07
N SER A 447 -47.35 5.16 22.15
CA SER A 447 -47.72 5.27 20.74
C SER A 447 -49.11 4.70 20.50
N VAL A 448 -49.63 4.96 19.29
CA VAL A 448 -50.91 4.42 18.82
C VAL A 448 -50.89 2.90 18.88
N GLU A 449 -49.86 2.32 18.27
CA GLU A 449 -49.70 0.87 18.20
C GLU A 449 -49.53 0.22 19.59
N GLU A 450 -48.84 0.91 20.50
CA GLU A 450 -48.64 0.42 21.87
C GLU A 450 -49.94 0.40 22.69
N LEU A 451 -50.81 1.37 22.42
CA LEU A 451 -52.16 1.43 22.98
C LEU A 451 -53.06 0.31 22.44
N ALA A 452 -52.91 -0.05 21.17
CA ALA A 452 -53.64 -1.19 20.59
C ALA A 452 -53.20 -2.52 21.23
N LEU A 453 -51.90 -2.64 21.51
CA LEU A 453 -51.35 -3.83 22.16
C LEU A 453 -52.02 -4.06 23.49
N ALA A 454 -52.07 -3.01 24.31
CA ALA A 454 -52.72 -3.05 25.63
C ALA A 454 -54.19 -3.50 25.53
N HIS A 455 -54.86 -3.12 24.43
CA HIS A 455 -56.24 -3.59 24.17
C HIS A 455 -56.26 -5.09 23.98
N TYR A 456 -55.33 -5.58 23.15
CA TYR A 456 -55.27 -6.99 22.79
C TYR A 456 -54.77 -7.85 23.91
N ARG A 457 -53.95 -7.28 24.79
CA ARG A 457 -53.55 -7.93 26.03
C ARG A 457 -54.73 -8.21 26.94
N ARG A 458 -55.60 -7.22 27.06
CA ARG A 458 -56.80 -7.39 27.85
C ARG A 458 -57.93 -8.07 27.06
N SER A 459 -57.71 -8.29 25.77
CA SER A 459 -58.59 -9.12 24.93
C SER A 459 -58.13 -10.58 24.87
N GLY A 460 -57.10 -10.90 25.65
CA GLY A 460 -56.69 -12.28 25.85
C GLY A 460 -55.49 -12.71 25.04
N PHE A 461 -54.85 -11.76 24.40
CA PHE A 461 -53.59 -12.02 23.72
C PHE A 461 -52.43 -11.47 24.55
N ASP A 462 -51.99 -12.26 25.53
CA ASP A 462 -50.88 -11.86 26.43
C ASP A 462 -49.58 -11.51 25.71
N GLN A 463 -49.39 -12.08 24.52
CA GLN A 463 -48.15 -11.90 23.74
C GLN A 463 -48.37 -11.05 22.52
N GLY A 464 -47.43 -10.14 22.27
CA GLY A 464 -47.52 -9.33 21.08
C GLY A 464 -46.26 -8.56 20.72
N ILE A 465 -46.09 -8.36 19.41
CA ILE A 465 -44.94 -7.63 18.88
C ILE A 465 -45.44 -6.56 17.93
N HIS A 466 -44.96 -5.34 18.14
CA HIS A 466 -45.07 -4.27 17.15
C HIS A 466 -43.85 -4.33 16.27
N GLY A 467 -43.91 -5.13 15.21
CA GLY A 467 -42.76 -5.32 14.34
C GLY A 467 -42.98 -5.01 12.88
N GLU A 468 -44.17 -4.54 12.55
CA GLU A 468 -44.55 -4.33 11.14
C GLU A 468 -44.02 -5.50 10.32
N GLY A 469 -43.29 -5.16 9.26
CA GLY A 469 -42.93 -6.11 8.24
C GLY A 469 -41.65 -6.85 8.55
N SER A 470 -40.90 -6.39 9.56
CA SER A 470 -39.66 -7.07 9.93
C SER A 470 -39.92 -8.34 10.73
N THR A 471 -41.03 -8.40 11.48
CA THR A 471 -41.37 -9.63 12.17
C THR A 471 -41.34 -10.72 11.13
N PHE A 472 -42.16 -10.59 10.09
CA PHE A 472 -42.22 -11.63 9.06
C PHE A 472 -40.91 -11.77 8.33
N SER A 473 -40.23 -10.67 8.16
CA SER A 473 -38.98 -10.69 7.43
C SER A 473 -37.91 -11.54 8.13
N THR A 474 -37.69 -11.28 9.41
CA THR A 474 -36.72 -12.08 10.11
C THR A 474 -37.19 -13.53 10.13
N LEU A 475 -38.45 -13.82 10.43
CA LEU A 475 -38.92 -15.24 10.31
C LEU A 475 -38.56 -15.91 8.97
N TYR A 476 -38.81 -15.23 7.86
CA TYR A 476 -38.44 -15.72 6.55
C TYR A 476 -36.95 -15.93 6.52
N GLY A 477 -36.18 -14.94 6.94
CA GLY A 477 -34.75 -15.11 6.91
C GLY A 477 -34.29 -16.26 7.80
N LEU A 478 -34.91 -16.43 8.96
CA LEU A 478 -34.55 -17.55 9.80
C LEU A 478 -34.84 -18.84 9.04
N LEU A 479 -36.06 -19.01 8.56
CA LEU A 479 -36.41 -20.24 7.89
C LEU A 479 -35.73 -20.50 6.56
N LEU A 480 -35.19 -19.50 5.87
CA LEU A 480 -34.61 -19.81 4.55
C LEU A 480 -33.14 -19.44 4.36
N TRP A 481 -32.48 -19.13 5.47
CA TRP A 481 -31.14 -18.58 5.47
C TRP A 481 -30.18 -19.27 4.52
N ASP A 482 -30.21 -20.59 4.54
CA ASP A 482 -29.24 -21.40 3.85
C ASP A 482 -29.51 -21.47 2.35
N ILE A 483 -30.75 -21.17 1.98
CA ILE A 483 -31.17 -21.07 0.61
C ILE A 483 -30.93 -19.63 0.15
N ILE A 484 -31.01 -18.70 1.10
CA ILE A 484 -30.79 -17.28 0.78
C ILE A 484 -29.35 -17.19 0.36
N PHE A 485 -28.50 -17.79 1.20
CA PHE A 485 -27.03 -17.77 1.04
C PHE A 485 -26.42 -19.00 0.36
N MET A 486 -27.28 -19.79 -0.28
CA MET A 486 -26.90 -20.88 -1.14
C MET A 486 -25.77 -20.53 -2.11
N ASP A 487 -24.92 -21.54 -2.43
CA ASP A 487 -23.93 -21.48 -3.52
C ASP A 487 -24.50 -21.88 -4.85
N GLY A 488 -23.81 -21.51 -5.92
CA GLY A 488 -24.18 -21.98 -7.26
C GLY A 488 -24.91 -21.00 -8.14
N ILE A 489 -24.96 -19.76 -7.70
CA ILE A 489 -25.59 -18.69 -8.48
C ILE A 489 -24.51 -17.65 -8.75
N PRO A 490 -24.09 -17.54 -10.01
CA PRO A 490 -22.99 -16.64 -10.38
C PRO A 490 -23.35 -15.17 -10.17
N ASP A 491 -22.40 -14.37 -9.68
CA ASP A 491 -22.50 -12.88 -9.59
C ASP A 491 -23.37 -12.30 -8.48
N VAL A 492 -24.16 -13.13 -7.83
CA VAL A 492 -24.94 -12.63 -6.73
C VAL A 492 -24.11 -12.38 -5.47
N PHE A 493 -22.93 -12.95 -5.38
CA PHE A 493 -22.06 -12.57 -4.30
C PHE A 493 -20.75 -12.18 -4.96
N ARG A 494 -20.34 -10.93 -4.74
CA ARG A 494 -19.19 -10.33 -5.42
C ARG A 494 -18.12 -9.89 -4.46
N ASN A 495 -18.41 -9.88 -3.18
CA ASN A 495 -17.35 -9.67 -2.20
C ASN A 495 -17.73 -9.81 -0.74
N ALA A 496 -16.72 -9.67 0.10
CA ALA A 496 -16.75 -10.11 1.50
C ALA A 496 -17.94 -9.61 2.31
N CYS A 497 -18.30 -8.32 2.18
CA CYS A 497 -19.24 -7.70 3.14
C CYS A 497 -20.72 -7.56 2.74
N GLN A 498 -21.26 -8.51 1.99
CA GLN A 498 -22.68 -8.47 1.61
C GLN A 498 -23.55 -8.96 2.77
N ALA A 499 -24.84 -8.63 2.71
CA ALA A 499 -25.76 -9.08 3.74
C ALA A 499 -26.98 -9.63 3.01
N PHE A 500 -26.77 -9.85 1.71
CA PHE A 500 -27.81 -10.45 0.91
C PHE A 500 -27.23 -10.75 -0.45
N PRO A 501 -27.78 -11.78 -1.13
CA PRO A 501 -27.42 -12.02 -2.54
C PRO A 501 -27.87 -10.81 -3.31
N LEU A 502 -27.09 -10.36 -4.27
CA LEU A 502 -27.46 -9.16 -5.02
C LEU A 502 -28.76 -9.35 -5.79
N ASP A 503 -29.21 -10.59 -5.96
CA ASP A 503 -30.41 -10.72 -6.76
C ASP A 503 -31.63 -10.76 -5.88
N LEU A 504 -31.43 -10.56 -4.59
CA LEU A 504 -32.50 -10.77 -3.59
C LEU A 504 -33.81 -10.07 -3.90
N CYS A 505 -33.74 -8.82 -4.41
CA CYS A 505 -34.95 -8.03 -4.69
C CYS A 505 -35.21 -8.01 -6.12
N THR A 506 -35.37 -9.19 -6.70
CA THR A 506 -35.47 -9.32 -8.15
C THR A 506 -36.31 -10.51 -8.46
N ASP A 507 -36.85 -10.50 -9.66
CA ASP A 507 -37.64 -11.62 -10.06
C ASP A 507 -36.79 -12.87 -10.03
N SER A 508 -35.48 -12.71 -10.26
CA SER A 508 -34.63 -13.85 -10.57
C SER A 508 -34.24 -14.66 -9.34
N PHE A 509 -34.07 -13.98 -8.20
CA PHE A 509 -33.86 -14.66 -6.92
C PHE A 509 -34.68 -15.92 -6.71
N PHE A 510 -35.98 -15.87 -7.00
CA PHE A 510 -36.78 -17.11 -7.03
C PHE A 510 -36.36 -17.99 -8.18
N THR A 511 -36.34 -17.46 -9.40
CA THR A 511 -36.14 -18.29 -10.61
C THR A 511 -34.85 -19.15 -10.47
N SER A 512 -33.77 -18.49 -10.09
CA SER A 512 -32.48 -19.12 -9.92
C SER A 512 -32.38 -20.08 -8.71
N ARG A 513 -33.36 -20.10 -7.81
CA ARG A 513 -33.36 -21.08 -6.72
C ARG A 513 -34.67 -21.84 -6.69
N ARG A 514 -35.34 -21.89 -7.83
CA ARG A 514 -36.70 -22.43 -7.86
C ARG A 514 -36.80 -23.76 -7.10
N PRO A 515 -36.10 -24.81 -7.60
CA PRO A 515 -36.25 -26.14 -7.01
C PRO A 515 -36.01 -26.18 -5.50
N ALA A 516 -35.02 -25.43 -5.02
CA ALA A 516 -34.72 -25.43 -3.59
C ALA A 516 -35.85 -24.78 -2.78
N LEU A 517 -36.19 -23.55 -3.16
CA LEU A 517 -37.38 -22.85 -2.65
C LEU A 517 -38.64 -23.72 -2.68
N GLU A 518 -39.06 -24.16 -3.87
CA GLU A 518 -40.23 -25.01 -3.98
C GLU A 518 -40.26 -26.10 -2.92
N ALA A 519 -39.13 -26.81 -2.78
CA ALA A 519 -38.98 -27.89 -1.81
C ALA A 519 -39.05 -27.41 -0.36
N ARG A 520 -38.31 -26.32 -0.06
CA ARG A 520 -38.34 -25.69 1.28
C ARG A 520 -39.73 -25.17 1.67
N LEU A 521 -40.45 -24.69 0.67
CA LEU A 521 -41.77 -24.14 0.91
C LEU A 521 -42.69 -25.28 1.22
N GLN A 522 -42.70 -26.27 0.34
CA GLN A 522 -43.50 -27.45 0.55
C GLN A 522 -43.28 -27.96 1.98
N LEU A 523 -42.01 -27.97 2.39
CA LEU A 523 -41.57 -28.62 3.59
C LEU A 523 -42.08 -27.88 4.81
N ILE A 524 -42.07 -26.55 4.72
CA ILE A 524 -42.52 -25.69 5.81
C ILE A 524 -44.03 -25.78 5.90
N HIS A 525 -44.69 -25.77 4.73
CA HIS A 525 -46.12 -25.93 4.68
C HIS A 525 -46.62 -27.14 5.49
N ASP A 526 -45.84 -28.23 5.49
CA ASP A 526 -46.25 -29.47 6.16
C ASP A 526 -45.62 -29.74 7.53
N ALA A 527 -44.67 -28.90 7.92
CA ALA A 527 -43.94 -29.13 9.16
C ALA A 527 -44.83 -28.95 10.39
N PRO A 528 -44.78 -29.90 11.33
CA PRO A 528 -45.47 -29.75 12.61
C PRO A 528 -44.81 -28.69 13.49
N GLU A 529 -45.49 -28.31 14.57
CA GLU A 529 -45.13 -27.11 15.34
C GLU A 529 -43.86 -27.29 16.16
N GLU A 530 -42.98 -28.16 15.67
CA GLU A 530 -41.79 -28.53 16.42
C GLU A 530 -40.59 -28.67 15.52
N SER A 531 -40.82 -29.02 14.25
CA SER A 531 -39.79 -29.01 13.22
C SER A 531 -39.42 -27.57 12.92
N LEU A 532 -40.45 -26.72 12.81
CA LEU A 532 -40.25 -25.29 12.67
C LEU A 532 -39.49 -24.80 13.89
N ARG A 533 -39.96 -25.17 15.08
CA ARG A 533 -39.27 -24.76 16.31
C ARG A 533 -37.79 -25.09 16.28
N ALA A 534 -37.46 -26.21 15.65
CA ALA A 534 -36.09 -26.69 15.58
C ALA A 534 -35.32 -26.11 14.40
N TRP A 535 -35.98 -25.92 13.26
CA TRP A 535 -35.33 -25.22 12.15
C TRP A 535 -34.84 -23.81 12.53
N VAL A 536 -35.74 -23.04 13.12
CA VAL A 536 -35.43 -21.71 13.62
C VAL A 536 -34.25 -21.73 14.60
N ALA A 537 -34.36 -22.60 15.61
CA ALA A 537 -33.30 -22.83 16.58
C ALA A 537 -31.94 -23.13 15.92
N ALA A 538 -31.94 -23.99 14.90
CA ALA A 538 -30.73 -24.30 14.14
C ALA A 538 -30.08 -23.08 13.53
N THR A 539 -30.85 -22.25 12.85
CA THR A 539 -30.27 -21.05 12.22
C THR A 539 -29.82 -20.02 13.24
N TRP A 540 -30.72 -19.71 14.17
CA TRP A 540 -30.45 -18.77 15.23
C TRP A 540 -29.09 -19.07 15.85
N HIS A 541 -28.85 -20.35 16.18
CA HIS A 541 -27.60 -20.77 16.82
C HIS A 541 -26.37 -20.71 15.95
N GLU A 542 -26.53 -21.08 14.68
CA GLU A 542 -25.45 -20.96 13.72
C GLU A 542 -25.20 -19.52 13.29
N GLN A 543 -26.23 -18.71 13.16
CA GLN A 543 -26.06 -17.39 12.53
C GLN A 543 -26.13 -16.16 13.44
N GLU A 544 -26.45 -16.34 14.72
CA GLU A 544 -26.77 -15.18 15.56
C GLU A 544 -25.76 -14.05 15.40
N GLY A 545 -26.24 -12.83 15.19
CA GLY A 545 -25.36 -11.69 15.05
C GLY A 545 -24.97 -11.39 13.61
N ARG A 546 -24.86 -12.41 12.80
CA ARG A 546 -24.41 -12.21 11.43
C ARG A 546 -25.30 -11.18 10.72
N VAL A 547 -24.67 -10.20 10.06
CA VAL A 547 -25.40 -9.12 9.43
C VAL A 547 -26.15 -9.62 8.18
N ALA A 548 -27.47 -9.70 8.25
CA ALA A 548 -28.19 -10.07 7.06
C ALA A 548 -29.43 -9.23 7.02
N SER A 549 -29.68 -8.69 5.83
CA SER A 549 -30.64 -7.66 5.64
C SER A 549 -32.03 -8.13 6.00
N LEU A 550 -32.37 -9.39 5.80
CA LEU A 550 -33.69 -9.87 6.18
C LEU A 550 -33.94 -10.01 7.68
N VAL A 551 -32.88 -10.17 8.48
CA VAL A 551 -33.06 -10.65 9.82
C VAL A 551 -32.71 -9.57 10.81
N SER A 552 -33.52 -9.36 11.85
CA SER A 552 -33.14 -8.46 12.93
C SER A 552 -33.02 -9.24 14.20
N TRP A 553 -31.80 -9.41 14.65
CA TRP A 553 -31.55 -10.30 15.77
C TRP A 553 -32.32 -9.90 17.01
N ASP A 554 -32.57 -8.61 17.21
CA ASP A 554 -33.37 -8.18 18.35
C ASP A 554 -34.87 -8.00 18.06
N ARG A 555 -35.32 -8.38 16.86
CA ARG A 555 -36.72 -8.22 16.49
C ARG A 555 -37.59 -9.03 17.42
N PHE A 556 -37.11 -10.22 17.77
CA PHE A 556 -37.67 -11.03 18.90
C PHE A 556 -36.80 -10.91 20.15
N THR A 557 -37.43 -11.00 21.32
CA THR A 557 -36.71 -10.68 22.56
C THR A 557 -35.79 -11.82 23.00
N SER A 558 -35.91 -12.97 22.33
CA SER A 558 -35.14 -14.17 22.61
C SER A 558 -35.49 -15.18 21.53
N LEU A 559 -34.61 -16.16 21.27
CA LEU A 559 -34.93 -17.23 20.32
C LEU A 559 -36.31 -17.86 20.59
N GLN A 560 -36.56 -18.21 21.87
CA GLN A 560 -37.77 -18.90 22.29
C GLN A 560 -39.08 -18.15 21.97
N GLN A 561 -39.02 -16.82 21.95
CA GLN A 561 -40.13 -16.02 21.43
C GLN A 561 -40.37 -16.27 19.96
N ALA A 562 -39.31 -16.34 19.16
CA ALA A 562 -39.49 -16.59 17.74
C ALA A 562 -40.11 -17.96 17.58
N GLN A 563 -39.73 -18.86 18.47
CA GLN A 563 -40.21 -20.22 18.41
C GLN A 563 -41.67 -20.29 18.79
N ASP A 564 -42.00 -19.60 19.89
CA ASP A 564 -43.35 -19.45 20.41
C ASP A 564 -44.26 -18.99 19.30
N LEU A 565 -43.78 -17.99 18.56
CA LEU A 565 -44.56 -17.41 17.50
C LEU A 565 -44.70 -18.31 16.26
N VAL A 566 -43.60 -18.81 15.70
CA VAL A 566 -43.71 -19.72 14.54
C VAL A 566 -44.65 -20.88 14.83
N SER A 567 -44.73 -21.26 16.13
CA SER A 567 -45.59 -22.37 16.54
C SER A 567 -47.04 -22.05 16.34
N CYS A 568 -47.41 -20.80 16.66
CA CYS A 568 -48.79 -20.31 16.55
C CYS A 568 -49.22 -20.14 15.12
N LEU A 569 -48.34 -19.53 14.31
CA LEU A 569 -48.61 -19.27 12.90
C LEU A 569 -48.80 -20.58 12.15
N GLY A 570 -47.88 -21.51 12.39
CA GLY A 570 -47.93 -22.81 11.76
C GLY A 570 -47.50 -22.81 10.30
N GLY A 571 -47.18 -24.01 9.81
CA GLY A 571 -46.74 -24.29 8.45
C GLY A 571 -47.26 -23.47 7.29
N PRO A 572 -48.55 -23.62 6.95
CA PRO A 572 -49.08 -23.06 5.70
C PRO A 572 -49.08 -21.53 5.62
N VAL A 573 -49.48 -20.89 6.72
CA VAL A 573 -49.35 -19.45 6.90
C VAL A 573 -47.87 -19.06 6.69
N LEU A 574 -46.98 -19.49 7.59
CA LEU A 574 -45.57 -19.18 7.43
C LEU A 574 -45.09 -19.43 6.01
N SER A 575 -45.49 -20.57 5.44
CA SER A 575 -45.07 -21.01 4.12
C SER A 575 -45.50 -20.05 3.04
N GLY A 576 -46.70 -19.49 3.23
CA GLY A 576 -47.26 -18.54 2.27
C GLY A 576 -46.56 -17.21 2.31
N VAL A 577 -46.41 -16.66 3.51
CA VAL A 577 -45.71 -15.39 3.67
C VAL A 577 -44.33 -15.48 3.00
N CYS A 578 -43.52 -16.47 3.40
CA CYS A 578 -42.23 -16.75 2.72
C CYS A 578 -42.36 -16.86 1.20
N ARG A 579 -43.42 -17.49 0.72
CA ARG A 579 -43.55 -17.65 -0.72
C ARG A 579 -43.54 -16.30 -1.44
N HIS A 580 -44.32 -15.36 -0.90
CA HIS A 580 -44.39 -14.01 -1.45
C HIS A 580 -43.08 -13.25 -1.28
N LEU A 581 -42.52 -13.29 -0.08
CA LEU A 581 -41.33 -12.51 0.16
C LEU A 581 -40.23 -12.93 -0.78
N ALA A 582 -40.27 -14.18 -1.24
CA ALA A 582 -39.24 -14.73 -2.12
C ALA A 582 -39.56 -14.49 -3.61
N ALA A 583 -40.81 -14.68 -3.96
CA ALA A 583 -41.27 -14.41 -5.31
C ALA A 583 -41.02 -12.95 -5.73
N ASP A 584 -41.20 -12.03 -4.76
CA ASP A 584 -41.29 -10.60 -5.08
C ASP A 584 -41.06 -9.66 -3.93
N PHE A 585 -39.92 -9.79 -3.25
CA PHE A 585 -39.58 -8.94 -2.10
C PHE A 585 -39.62 -7.47 -2.50
N ARG A 586 -39.34 -7.22 -3.77
CA ARG A 586 -39.22 -5.88 -4.22
C ARG A 586 -40.53 -5.19 -3.99
N HIS A 587 -41.61 -5.84 -4.38
CA HIS A 587 -42.94 -5.26 -4.26
C HIS A 587 -43.80 -5.80 -3.10
N CYS A 588 -43.24 -6.70 -2.29
CA CYS A 588 -43.96 -7.28 -1.15
C CYS A 588 -43.44 -6.93 0.22
N ARG A 589 -42.23 -6.44 0.32
CA ARG A 589 -41.62 -6.24 1.62
C ARG A 589 -42.41 -5.22 2.42
N GLY A 590 -43.19 -4.38 1.74
CA GLY A 590 -43.95 -3.38 2.45
C GLY A 590 -45.43 -3.68 2.54
N GLY A 591 -46.05 -3.13 3.58
CA GLY A 591 -47.48 -3.27 3.82
C GLY A 591 -47.93 -4.40 4.73
N LEU A 592 -47.04 -5.03 5.47
CA LEU A 592 -47.52 -6.04 6.41
C LEU A 592 -48.04 -5.34 7.66
N PRO A 593 -48.97 -5.98 8.40
CA PRO A 593 -49.59 -5.38 9.60
C PRO A 593 -48.63 -4.97 10.70
N ASP A 594 -48.92 -3.84 11.35
CA ASP A 594 -48.04 -3.32 12.39
C ASP A 594 -47.72 -4.39 13.44
N LEU A 595 -48.73 -5.21 13.77
CA LEU A 595 -48.78 -6.04 14.97
C LEU A 595 -49.05 -7.54 14.71
N VAL A 596 -48.42 -8.40 15.52
CA VAL A 596 -48.78 -9.82 15.62
C VAL A 596 -49.07 -10.10 17.09
N VAL A 597 -50.26 -10.58 17.39
CA VAL A 597 -50.64 -10.85 18.77
C VAL A 597 -51.13 -12.28 18.88
N TRP A 598 -50.84 -12.91 20.02
CA TRP A 598 -51.16 -14.31 20.18
C TRP A 598 -51.43 -14.71 21.64
N ASN A 599 -52.23 -15.75 21.81
CA ASN A 599 -52.50 -16.30 23.12
C ASN A 599 -51.54 -17.44 23.33
N SER A 600 -50.75 -17.34 24.39
CA SER A 600 -49.76 -18.35 24.72
C SER A 600 -50.35 -19.76 24.80
N GLN A 601 -51.42 -19.92 25.60
CA GLN A 601 -52.07 -21.23 25.78
C GLN A 601 -52.91 -21.72 24.60
N SER A 602 -53.87 -20.91 24.15
CA SER A 602 -54.78 -21.34 23.07
C SER A 602 -54.11 -21.38 21.69
N ARG A 603 -52.93 -20.74 21.60
CA ARG A 603 -52.14 -20.77 20.38
C ARG A 603 -52.82 -19.97 19.26
N HIS A 604 -53.95 -19.33 19.58
CA HIS A 604 -54.69 -18.47 18.64
C HIS A 604 -53.96 -17.16 18.43
N PHE A 605 -54.05 -16.62 17.22
CA PHE A 605 -53.30 -15.41 16.89
C PHE A 605 -54.03 -14.50 15.89
N LYS A 606 -53.68 -13.21 15.96
CA LYS A 606 -54.29 -12.21 15.11
C LYS A 606 -53.22 -11.31 14.53
N LEU A 607 -53.42 -10.93 13.26
CA LEU A 607 -52.55 -9.97 12.52
C LEU A 607 -53.27 -8.63 12.38
N VAL A 608 -52.74 -7.62 13.06
CA VAL A 608 -53.49 -6.38 13.28
C VAL A 608 -52.80 -5.12 12.78
N GLU A 609 -53.40 -4.46 11.78
CA GLU A 609 -52.94 -3.13 11.38
C GLU A 609 -53.60 -2.05 12.22
N VAL A 610 -52.78 -1.29 12.93
CA VAL A 610 -53.25 -0.18 13.75
C VAL A 610 -53.27 1.12 12.95
N LYS A 611 -54.45 1.73 12.91
CA LYS A 611 -54.70 2.93 12.14
C LYS A 611 -55.17 4.01 13.09
N GLY A 612 -54.40 5.10 13.18
CA GLY A 612 -54.76 6.20 14.07
C GLY A 612 -55.98 6.95 13.56
N PRO A 613 -56.39 8.02 14.28
CA PRO A 613 -57.49 8.83 13.75
C PRO A 613 -57.18 9.32 12.33
N ASN A 614 -55.95 9.76 12.10
CA ASN A 614 -55.57 10.41 10.86
C ASN A 614 -55.13 9.55 9.66
N ASP A 615 -55.33 8.23 9.72
CA ASP A 615 -54.98 7.40 8.55
C ASP A 615 -55.88 6.21 8.22
N ARG A 616 -55.87 5.85 6.95
CA ARG A 616 -56.56 4.68 6.42
C ARG A 616 -55.49 3.76 5.77
N LEU A 617 -55.95 2.70 5.12
CA LEU A 617 -55.10 1.63 4.58
C LEU A 617 -54.45 2.04 3.30
N SER A 618 -53.15 1.84 3.18
CA SER A 618 -52.45 1.98 1.91
C SER A 618 -52.86 0.82 0.99
N HIS A 619 -52.55 0.90 -0.30
CA HIS A 619 -52.89 -0.21 -1.21
C HIS A 619 -52.20 -1.53 -0.85
N LYS A 620 -50.87 -1.48 -0.79
CA LYS A 620 -50.06 -2.57 -0.25
C LYS A 620 -50.65 -3.20 1.02
N GLN A 621 -51.02 -2.38 2.02
CA GLN A 621 -51.65 -2.89 3.22
C GLN A 621 -52.85 -3.76 2.94
N MET A 622 -53.73 -3.30 2.04
CA MET A 622 -54.93 -4.09 1.75
C MET A 622 -54.62 -5.35 0.99
N ILE A 623 -53.72 -5.28 0.01
CA ILE A 623 -53.32 -6.49 -0.71
C ILE A 623 -52.82 -7.54 0.29
N TRP A 624 -52.00 -7.12 1.24
CA TRP A 624 -51.46 -8.07 2.19
C TRP A 624 -52.52 -8.70 3.03
N LEU A 625 -53.45 -7.89 3.53
CA LEU A 625 -54.47 -8.37 4.46
C LEU A 625 -55.33 -9.38 3.73
N ALA A 626 -55.51 -9.15 2.43
CA ALA A 626 -56.27 -10.07 1.59
C ALA A 626 -55.51 -11.37 1.57
N GLU A 627 -54.23 -11.24 1.26
CA GLU A 627 -53.35 -12.35 1.08
C GLU A 627 -53.21 -13.22 2.35
N LEU A 628 -53.09 -12.57 3.51
CA LEU A 628 -52.96 -13.25 4.79
C LEU A 628 -54.22 -14.02 5.10
N GLN A 629 -55.37 -13.42 4.78
CA GLN A 629 -56.65 -14.06 4.97
C GLN A 629 -56.77 -15.32 4.11
N LYS A 630 -56.36 -15.24 2.83
CA LYS A 630 -56.32 -16.40 1.92
C LYS A 630 -55.51 -17.57 2.45
N LEU A 631 -54.59 -17.29 3.36
CA LEU A 631 -53.78 -18.32 3.99
C LEU A 631 -54.41 -18.74 5.31
N GLY A 632 -55.57 -18.21 5.61
CA GLY A 632 -56.34 -18.60 6.77
C GLY A 632 -55.77 -18.03 8.05
N ALA A 633 -55.49 -16.73 8.04
CA ALA A 633 -55.07 -16.07 9.27
C ALA A 633 -56.09 -15.02 9.68
N GLU A 634 -56.36 -14.97 10.98
CA GLU A 634 -57.12 -13.88 11.59
C GLU A 634 -56.47 -12.52 11.34
N VAL A 635 -57.11 -11.69 10.51
CA VAL A 635 -56.60 -10.35 10.24
C VAL A 635 -57.61 -9.28 10.61
N GLU A 636 -57.12 -8.12 11.01
CA GLU A 636 -57.96 -7.14 11.68
C GLU A 636 -57.39 -5.73 11.58
N VAL A 637 -58.24 -4.76 11.22
CA VAL A 637 -57.84 -3.36 11.29
C VAL A 637 -58.36 -2.72 12.56
N CYS A 638 -57.46 -2.15 13.35
CA CYS A 638 -57.82 -1.58 14.62
C CYS A 638 -57.69 -0.07 14.51
N HIS A 639 -58.82 0.61 14.58
CA HIS A 639 -58.83 2.05 14.52
C HIS A 639 -58.82 2.63 15.92
N VAL A 640 -58.03 3.69 16.10
CA VAL A 640 -58.02 4.43 17.36
C VAL A 640 -58.67 5.79 17.14
N VAL A 641 -59.64 6.11 18.01
CA VAL A 641 -60.31 7.41 18.03
C VAL A 641 -59.97 8.13 19.33
N ALA A 642 -59.48 9.35 19.19
CA ALA A 642 -59.03 10.13 20.35
C ALA A 642 -60.22 10.59 21.19
N VAL A 643 -59.96 10.92 22.45
CA VAL A 643 -60.93 11.61 23.32
C VAL A 643 -60.30 12.90 23.84
N THR B 13 4.77 3.15 17.63
CA THR B 13 4.15 2.15 16.71
C THR B 13 4.82 0.76 16.78
N GLY B 14 5.15 0.35 18.02
CA GLY B 14 5.83 -0.92 18.39
C GLY B 14 6.11 -2.07 17.43
N HIS B 15 6.91 -1.77 16.40
CA HIS B 15 7.34 -2.78 15.40
C HIS B 15 8.73 -3.31 15.73
N PRO B 16 8.95 -4.64 15.53
CA PRO B 16 10.30 -5.15 15.80
C PRO B 16 11.27 -4.76 14.68
N TYR B 17 12.56 -4.66 15.02
CA TYR B 17 13.54 -4.09 14.13
C TYR B 17 13.53 -4.66 12.71
N TYR B 18 13.44 -5.97 12.60
CA TYR B 18 13.51 -6.58 11.28
C TYR B 18 12.36 -6.16 10.40
N LEU B 19 11.19 -5.86 11.00
CA LEU B 19 10.06 -5.31 10.25
C LEU B 19 10.26 -3.85 9.96
N ARG B 20 10.71 -3.07 10.93
CA ARG B 20 10.95 -1.66 10.68
C ARG B 20 11.90 -1.45 9.48
N SER B 21 13.02 -2.18 9.50
CA SER B 21 14.05 -2.08 8.49
C SER B 21 13.52 -2.50 7.15
N PHE B 22 12.68 -3.52 7.12
CA PHE B 22 12.06 -3.94 5.86
C PHE B 22 11.16 -2.82 5.30
N LEU B 23 10.33 -2.26 6.19
CA LEU B 23 9.45 -1.20 5.81
C LEU B 23 10.20 0.02 5.25
N VAL B 24 11.30 0.46 5.91
CA VAL B 24 12.13 1.54 5.38
C VAL B 24 12.57 1.20 3.97
N VAL B 25 12.87 -0.07 3.70
CA VAL B 25 13.33 -0.40 2.37
C VAL B 25 12.23 -0.20 1.33
N LEU B 26 11.03 -0.68 1.63
CA LEU B 26 9.92 -0.56 0.66
C LEU B 26 9.57 0.90 0.39
N LYS B 27 9.52 1.67 1.46
CA LYS B 27 9.15 3.06 1.33
C LYS B 27 10.17 3.78 0.46
N THR B 28 11.46 3.55 0.76
CA THR B 28 12.49 4.36 0.18
C THR B 28 12.48 4.22 -1.33
N VAL B 29 12.10 3.05 -1.80
CA VAL B 29 12.19 2.73 -3.20
C VAL B 29 10.91 3.09 -3.90
N LEU B 30 9.81 2.83 -3.21
CA LEU B 30 8.50 3.11 -3.78
C LEU B 30 8.26 4.61 -3.99
N GLU B 31 8.78 5.46 -3.10
CA GLU B 31 8.65 6.88 -3.34
C GLU B 31 9.47 7.42 -4.53
N ASN B 32 9.95 6.54 -5.42
CA ASN B 32 10.64 6.93 -6.65
C ASN B 32 9.79 6.59 -7.85
N GLU B 33 9.37 7.58 -8.61
CA GLU B 33 8.60 7.31 -9.81
C GLU B 33 9.46 6.53 -10.78
N ASP B 34 10.69 7.01 -10.96
CA ASP B 34 11.70 6.40 -11.85
C ASP B 34 11.83 4.91 -11.62
N ASP B 35 11.96 4.53 -10.35
CA ASP B 35 12.14 3.15 -9.96
C ASP B 35 10.86 2.35 -10.09
N MET B 36 9.71 3.00 -9.88
CA MET B 36 8.45 2.27 -9.94
C MET B 36 8.00 1.97 -11.35
N LEU B 37 8.50 2.74 -12.30
CA LEU B 37 8.37 2.42 -13.73
C LEU B 37 8.83 0.99 -14.00
N LEU B 38 9.80 0.55 -13.21
CA LEU B 38 10.50 -0.71 -13.44
C LEU B 38 9.79 -1.91 -12.87
N PHE B 39 8.51 -1.77 -12.58
CA PHE B 39 7.67 -2.88 -12.08
C PHE B 39 6.36 -2.95 -12.84
N ASP B 40 5.89 -4.15 -13.12
CA ASP B 40 4.61 -4.29 -13.76
C ASP B 40 3.50 -4.28 -12.72
N GLU B 41 2.28 -4.09 -13.19
CA GLU B 41 1.08 -4.02 -12.36
C GLU B 41 1.07 -5.18 -11.38
N GLN B 42 1.08 -6.39 -11.94
CA GLN B 42 1.10 -7.62 -11.18
C GLN B 42 2.07 -7.51 -10.01
N GLU B 43 3.27 -7.04 -10.32
CA GLU B 43 4.36 -6.86 -9.35
C GLU B 43 4.01 -5.86 -8.23
N LYS B 44 3.72 -4.62 -8.59
CA LYS B 44 3.17 -3.63 -7.66
C LYS B 44 2.05 -4.20 -6.81
N GLY B 45 1.09 -4.87 -7.46
CA GLY B 45 0.00 -5.57 -6.78
C GLY B 45 0.46 -6.37 -5.59
N ILE B 46 1.49 -7.19 -5.80
CA ILE B 46 2.11 -7.98 -4.72
C ILE B 46 2.58 -7.09 -3.57
N VAL B 47 3.18 -5.94 -3.89
CA VAL B 47 3.65 -5.08 -2.82
C VAL B 47 2.48 -4.64 -1.96
N THR B 48 1.37 -4.24 -2.62
CA THR B 48 0.16 -3.80 -1.90
C THR B 48 -0.29 -4.91 -0.98
N LYS B 49 -0.43 -6.11 -1.55
CA LYS B 49 -0.82 -7.27 -0.79
C LYS B 49 -0.04 -7.34 0.52
N PHE B 50 1.25 -7.01 0.46
CA PHE B 50 2.10 -7.05 1.66
C PHE B 50 1.56 -6.10 2.70
N TYR B 51 1.36 -4.86 2.27
CA TYR B 51 0.81 -3.80 3.12
C TYR B 51 -0.57 -4.10 3.69
N GLN B 52 -1.34 -4.96 3.01
CA GLN B 52 -2.65 -5.44 3.47
C GLN B 52 -2.62 -6.56 4.54
N LEU B 53 -1.45 -7.13 4.78
CA LEU B 53 -1.32 -8.14 5.81
C LEU B 53 -1.40 -7.48 7.15
N SER B 54 -1.78 -8.23 8.17
CA SER B 54 -1.67 -7.75 9.55
C SER B 54 -0.22 -7.48 9.86
N ALA B 55 0.07 -6.98 11.06
CA ALA B 55 1.46 -6.79 11.48
C ALA B 55 2.06 -8.15 11.75
N THR B 56 1.25 -9.02 12.35
CA THR B 56 1.66 -10.40 12.61
C THR B 56 2.09 -11.10 11.32
N GLY B 57 1.25 -11.05 10.30
CA GLY B 57 1.58 -11.63 9.01
C GLY B 57 2.89 -11.10 8.46
N GLN B 58 3.07 -9.79 8.53
CA GLN B 58 4.25 -9.16 7.97
C GLN B 58 5.47 -9.58 8.77
N LYS B 59 5.37 -9.59 10.09
CA LYS B 59 6.48 -10.00 10.92
C LYS B 59 7.01 -11.35 10.44
N LEU B 60 6.13 -12.35 10.47
CA LEU B 60 6.51 -13.65 10.00
C LEU B 60 7.13 -13.57 8.62
N TYR B 61 6.49 -12.89 7.67
CA TYR B 61 7.02 -12.90 6.31
C TYR B 61 8.43 -12.39 6.25
N VAL B 62 8.69 -11.27 6.92
CA VAL B 62 10.05 -10.79 6.95
C VAL B 62 10.99 -11.90 7.46
N ARG B 63 10.66 -12.48 8.62
CA ARG B 63 11.43 -13.61 9.18
C ARG B 63 11.74 -14.69 8.17
N LEU B 64 10.70 -15.22 7.56
CA LEU B 64 10.85 -16.26 6.55
C LEU B 64 11.65 -15.77 5.33
N PHE B 65 11.42 -14.51 4.95
CA PHE B 65 12.17 -13.91 3.88
C PHE B 65 13.69 -13.99 4.18
N GLN B 66 14.07 -13.73 5.43
CA GLN B 66 15.46 -13.65 5.79
C GLN B 66 16.12 -15.02 5.95
N ARG B 67 15.33 -16.07 6.15
CA ARG B 67 15.85 -17.45 6.16
C ARG B 67 16.23 -17.90 4.74
N LYS B 68 16.96 -19.00 4.66
CA LYS B 68 17.33 -19.62 3.39
C LYS B 68 16.08 -20.04 2.64
N LEU B 69 16.11 -19.91 1.32
CA LEU B 69 14.95 -20.26 0.51
C LEU B 69 14.83 -21.75 0.24
N SER B 70 13.85 -22.37 0.87
CA SER B 70 13.48 -23.76 0.59
C SER B 70 12.51 -24.15 1.66
N TRP B 71 12.01 -25.36 1.58
CA TRP B 71 11.00 -25.81 2.50
C TRP B 71 11.52 -25.85 3.93
N ILE B 72 10.60 -25.68 4.88
CA ILE B 72 10.92 -25.68 6.28
C ILE B 72 9.89 -26.56 6.98
N LYS B 73 10.34 -27.41 7.90
CA LYS B 73 9.43 -28.20 8.73
C LYS B 73 8.69 -27.28 9.67
N MET B 74 7.38 -27.47 9.76
CA MET B 74 6.56 -26.67 10.68
C MET B 74 7.06 -26.69 12.11
N THR B 75 7.75 -27.76 12.50
CA THR B 75 8.34 -27.83 13.83
C THR B 75 9.49 -26.84 13.99
N LYS B 76 10.24 -26.62 12.91
CA LYS B 76 11.36 -25.66 12.92
C LYS B 76 10.91 -24.18 12.70
N LEU B 77 9.67 -23.85 13.07
CA LEU B 77 9.16 -22.48 13.01
C LEU B 77 8.69 -22.05 14.38
N GLU B 78 9.43 -21.13 14.99
CA GLU B 78 9.05 -20.64 16.29
C GLU B 78 9.40 -19.18 16.49
N TYR B 79 8.38 -18.35 16.63
CA TYR B 79 8.57 -16.98 17.01
C TYR B 79 7.48 -16.62 18.00
N GLU B 80 7.74 -16.85 19.27
CA GLU B 80 6.73 -16.56 20.27
C GLU B 80 6.45 -15.05 20.30
N GLU B 81 7.44 -14.26 19.88
CA GLU B 81 7.26 -12.81 19.83
C GLU B 81 6.27 -12.43 18.73
N ILE B 82 6.06 -13.33 17.78
CA ILE B 82 5.09 -13.12 16.70
C ILE B 82 3.72 -13.69 17.10
N ALA B 83 3.68 -14.97 17.46
CA ALA B 83 2.45 -15.63 17.91
C ALA B 83 2.80 -16.94 18.58
N LEU B 84 2.13 -17.22 19.69
CA LEU B 84 2.29 -18.50 20.37
C LEU B 84 1.83 -19.66 19.48
N ASP B 85 0.78 -19.41 18.69
CA ASP B 85 0.32 -20.36 17.67
C ASP B 85 0.32 -19.66 16.34
N LEU B 86 1.08 -20.21 15.40
CA LEU B 86 1.30 -19.53 14.14
C LEU B 86 0.35 -19.96 13.03
N THR B 87 -0.44 -21.01 13.23
CA THR B 87 -1.24 -21.53 12.10
C THR B 87 -2.06 -20.44 11.41
N PRO B 88 -2.75 -19.58 12.18
CA PRO B 88 -3.46 -18.46 11.58
C PRO B 88 -2.54 -17.57 10.73
N VAL B 89 -1.42 -17.12 11.29
CA VAL B 89 -0.47 -16.26 10.56
C VAL B 89 -0.10 -16.89 9.21
N ILE B 90 0.21 -18.19 9.23
CA ILE B 90 0.63 -18.91 8.04
C ILE B 90 -0.52 -18.92 7.05
N GLU B 91 -1.66 -19.36 7.52
CA GLU B 91 -2.88 -19.30 6.75
C GLU B 91 -2.98 -17.95 6.03
N GLU B 92 -2.75 -16.86 6.76
CA GLU B 92 -2.91 -15.52 6.18
C GLU B 92 -1.99 -15.38 5.00
N LEU B 93 -0.73 -15.68 5.24
CA LEU B 93 0.29 -15.54 4.22
C LEU B 93 0.01 -16.49 3.06
N THR B 94 -0.65 -17.61 3.33
CA THR B 94 -0.95 -18.57 2.27
C THR B 94 -2.05 -18.04 1.38
N ASN B 95 -3.10 -17.51 1.99
CA ASN B 95 -4.22 -16.91 1.28
C ASN B 95 -3.74 -15.75 0.44
N ALA B 96 -2.82 -14.99 1.05
CA ALA B 96 -2.15 -13.89 0.41
C ALA B 96 -1.29 -14.30 -0.78
N GLY B 97 -0.92 -15.58 -0.84
CA GLY B 97 -0.08 -16.11 -1.92
C GLY B 97 1.39 -15.78 -1.74
N PHE B 98 1.78 -15.52 -0.50
CA PHE B 98 3.15 -15.22 -0.11
C PHE B 98 3.96 -16.49 0.29
N LEU B 99 3.22 -17.51 0.75
CA LEU B 99 3.75 -18.75 1.33
C LEU B 99 3.01 -19.94 0.72
N GLN B 100 3.68 -21.09 0.63
CA GLN B 100 3.03 -22.33 0.17
C GLN B 100 3.20 -23.44 1.19
N THR B 101 2.16 -24.29 1.29
CA THR B 101 2.13 -25.41 2.23
C THR B 101 2.53 -26.71 1.55
N GLU B 102 2.75 -27.73 2.37
CA GLU B 102 3.15 -29.06 1.90
C GLU B 102 2.31 -29.56 0.72
N SER B 103 1.08 -29.07 0.61
CA SER B 103 0.20 -29.42 -0.50
C SER B 103 0.75 -29.06 -1.88
N GLU B 104 1.51 -27.98 -1.99
CA GLU B 104 2.12 -27.64 -3.27
C GLU B 104 3.47 -28.28 -3.46
N LEU B 105 3.96 -28.93 -2.42
CA LEU B 105 5.22 -29.66 -2.45
C LEU B 105 5.11 -30.85 -3.42
N GLN B 106 5.61 -30.65 -4.64
CA GLN B 106 5.45 -31.64 -5.71
C GLN B 106 6.73 -32.23 -6.24
N GLU B 107 7.78 -31.42 -6.39
CA GLU B 107 9.07 -31.95 -6.79
C GLU B 107 9.56 -32.95 -5.76
N LEU B 108 10.21 -34.02 -6.22
CA LEU B 108 10.71 -35.06 -5.34
C LEU B 108 12.03 -34.63 -4.73
N SER B 109 12.95 -34.21 -5.60
CA SER B 109 14.25 -33.69 -5.20
C SER B 109 14.09 -32.81 -3.96
N GLU B 110 13.02 -32.02 -3.97
CA GLU B 110 12.67 -31.15 -2.87
C GLU B 110 12.32 -31.92 -1.59
N VAL B 111 11.42 -32.89 -1.69
CA VAL B 111 10.96 -33.62 -0.50
C VAL B 111 12.12 -34.31 0.20
N LEU B 112 13.00 -34.90 -0.61
CA LEU B 112 14.17 -35.59 -0.08
C LEU B 112 15.07 -34.62 0.66
N GLU B 113 15.32 -33.48 0.03
CA GLU B 113 16.09 -32.39 0.60
C GLU B 113 15.64 -31.97 1.99
N LEU B 114 14.34 -31.97 2.19
CA LEU B 114 13.73 -31.57 3.45
C LEU B 114 13.92 -32.60 4.56
N LEU B 115 14.16 -33.84 4.15
CA LEU B 115 14.29 -34.95 5.08
C LEU B 115 15.69 -35.08 5.60
N SER B 116 15.81 -35.40 6.89
CA SER B 116 17.10 -35.51 7.54
C SER B 116 17.83 -36.76 7.10
N ALA B 117 19.06 -36.93 7.57
CA ALA B 117 19.82 -38.15 7.33
C ALA B 117 19.13 -39.42 7.90
N PRO B 118 18.76 -39.43 9.20
CA PRO B 118 18.03 -40.56 9.79
C PRO B 118 16.66 -40.83 9.17
N GLU B 119 16.04 -39.81 8.58
CA GLU B 119 14.77 -39.99 7.89
C GLU B 119 14.97 -40.55 6.49
N LEU B 120 16.13 -40.28 5.91
CA LEU B 120 16.50 -40.91 4.65
C LEU B 120 16.81 -42.39 4.86
N LYS B 121 17.31 -42.72 6.05
CA LYS B 121 17.47 -44.11 6.49
C LYS B 121 16.11 -44.82 6.50
N SER B 122 15.20 -44.36 7.37
CA SER B 122 13.87 -44.97 7.51
C SER B 122 13.13 -45.14 6.19
N LEU B 123 13.49 -44.34 5.19
CA LEU B 123 12.89 -44.45 3.87
C LEU B 123 13.69 -45.36 2.96
N ALA B 124 15.01 -45.37 3.12
CA ALA B 124 15.86 -46.33 2.44
C ALA B 124 15.66 -47.76 2.99
N LYS B 125 15.10 -47.84 4.20
CA LYS B 125 14.81 -49.11 4.89
C LYS B 125 13.41 -49.63 4.53
N THR B 126 12.41 -48.76 4.61
CA THR B 126 11.05 -49.15 4.21
C THR B 126 10.90 -49.18 2.68
N PHE B 127 12.03 -49.07 1.98
CA PHE B 127 12.13 -49.34 0.55
C PHE B 127 13.31 -50.29 0.26
N HIS B 128 12.99 -51.57 0.08
CA HIS B 128 13.97 -52.64 -0.08
C HIS B 128 15.00 -52.39 -1.17
N LEU B 129 14.56 -51.80 -2.29
CA LEU B 129 15.42 -51.51 -3.45
C LEU B 129 16.59 -50.58 -3.13
N ALA B 130 16.46 -49.83 -2.03
CA ALA B 130 17.49 -48.90 -1.65
C ALA B 130 18.52 -49.60 -0.76
N ASN B 131 19.79 -49.28 -0.99
CA ASN B 131 20.89 -49.57 -0.05
C ASN B 131 20.77 -48.65 1.19
N PRO B 132 20.38 -49.23 2.36
CA PRO B 132 19.91 -48.45 3.53
C PRO B 132 20.89 -47.44 4.15
N ASN B 133 22.17 -47.50 3.78
CA ASN B 133 23.17 -46.60 4.34
C ASN B 133 23.87 -45.76 3.28
N GLY B 134 24.71 -44.83 3.73
CA GLY B 134 25.43 -43.90 2.84
C GLY B 134 25.32 -42.46 3.31
N GLN B 135 25.99 -41.55 2.61
CA GLN B 135 25.88 -40.11 2.91
C GLN B 135 24.54 -39.56 2.43
N LYS B 136 24.07 -38.46 3.05
CA LYS B 136 22.77 -37.89 2.68
C LYS B 136 22.69 -37.63 1.18
N GLN B 137 23.77 -37.09 0.64
CA GLN B 137 23.90 -36.83 -0.79
C GLN B 137 23.70 -38.11 -1.60
N GLN B 138 24.36 -39.18 -1.19
CA GLN B 138 24.30 -40.47 -1.89
C GLN B 138 22.87 -40.96 -2.09
N LEU B 139 22.14 -41.15 -0.98
CA LEU B 139 20.78 -41.70 -1.00
C LEU B 139 19.83 -40.94 -1.91
N VAL B 140 20.10 -39.65 -2.08
CA VAL B 140 19.24 -38.76 -2.84
C VAL B 140 19.36 -39.04 -4.34
N ASP B 141 20.59 -39.02 -4.85
CA ASP B 141 20.85 -39.33 -6.25
C ASP B 141 20.16 -40.65 -6.58
N ALA B 142 20.31 -41.61 -5.66
CA ALA B 142 19.69 -42.92 -5.75
C ALA B 142 18.18 -42.80 -5.92
N PHE B 143 17.49 -42.44 -4.84
CA PHE B 143 16.02 -42.30 -4.85
C PHE B 143 15.50 -41.60 -6.11
N LEU B 144 16.33 -40.75 -6.69
CA LEU B 144 15.95 -39.98 -7.88
C LEU B 144 16.11 -40.76 -9.19
N LYS B 145 17.15 -41.58 -9.26
CA LYS B 145 17.35 -42.46 -10.42
C LYS B 145 16.26 -43.52 -10.53
N LEU B 146 15.83 -44.06 -9.39
CA LEU B 146 14.76 -45.08 -9.33
C LEU B 146 13.38 -44.54 -9.72
N ALA B 147 13.04 -43.36 -9.21
CA ALA B 147 11.79 -42.68 -9.54
C ALA B 147 11.78 -42.26 -11.01
N LYS B 148 12.97 -42.12 -11.60
CA LYS B 148 13.15 -41.67 -12.98
C LYS B 148 12.76 -42.75 -14.00
N GLN B 149 13.34 -43.93 -13.84
CA GLN B 149 13.11 -45.07 -14.75
C GLN B 149 11.74 -45.70 -14.53
N ARG B 150 11.57 -46.38 -13.39
CA ARG B 150 10.29 -46.94 -12.98
C ARG B 150 9.54 -45.82 -12.26
N SER B 151 8.78 -45.06 -13.05
CA SER B 151 8.15 -43.83 -12.59
C SER B 151 7.05 -44.05 -11.54
N VAL B 152 6.32 -45.14 -11.67
CA VAL B 152 5.15 -45.43 -10.83
C VAL B 152 5.50 -45.60 -9.34
N ILE B 153 6.62 -46.27 -9.07
CA ILE B 153 7.09 -46.47 -7.68
C ILE B 153 7.62 -45.17 -7.06
N GLY B 154 8.09 -44.25 -7.92
CA GLY B 154 8.57 -42.94 -7.50
C GLY B 154 7.48 -42.06 -6.93
N ALA B 155 6.24 -42.37 -7.25
CA ALA B 155 5.07 -41.67 -6.70
C ALA B 155 4.72 -42.15 -5.29
N VAL B 156 4.93 -43.44 -5.03
CA VAL B 156 4.74 -44.04 -3.71
C VAL B 156 5.81 -43.53 -2.73
N ILE B 157 7.02 -43.33 -3.25
CA ILE B 157 8.12 -42.69 -2.54
C ILE B 157 7.69 -41.29 -2.09
N LEU B 158 7.36 -40.44 -3.06
CA LEU B 158 6.93 -39.08 -2.81
C LEU B 158 5.89 -39.02 -1.71
N LYS B 159 4.94 -39.95 -1.74
CA LYS B 159 3.83 -40.01 -0.78
C LYS B 159 4.31 -40.21 0.65
N ARG B 160 5.14 -41.24 0.84
CA ARG B 160 5.66 -41.55 2.17
C ARG B 160 6.73 -40.56 2.58
N ALA B 161 7.55 -40.13 1.62
CA ALA B 161 8.50 -39.05 1.85
C ALA B 161 7.77 -37.86 2.44
N LYS B 162 6.70 -37.44 1.77
CA LYS B 162 5.90 -36.32 2.23
C LYS B 162 5.33 -36.54 3.62
N ALA B 163 4.76 -37.73 3.84
CA ALA B 163 4.15 -38.04 5.12
C ALA B 163 5.22 -38.07 6.20
N LEU B 164 6.44 -38.41 5.81
CA LEU B 164 7.56 -38.54 6.73
C LEU B 164 8.12 -37.16 7.09
N ALA B 165 8.22 -36.29 6.09
CA ALA B 165 8.67 -34.89 6.25
C ALA B 165 7.80 -34.07 7.19
N GLY B 166 6.48 -34.18 7.04
CA GLY B 166 5.52 -33.50 7.92
C GLY B 166 4.90 -32.30 7.26
N GLN B 167 4.32 -31.40 8.06
CA GLN B 167 3.80 -30.13 7.58
C GLN B 167 4.93 -29.13 7.31
N SER B 168 4.93 -28.57 6.10
CA SER B 168 6.04 -27.73 5.66
C SER B 168 5.59 -26.51 4.86
N VAL B 169 6.35 -25.42 5.00
CA VAL B 169 6.04 -24.20 4.28
C VAL B 169 7.25 -23.79 3.43
N ARG B 170 7.02 -22.99 2.40
CA ARG B 170 8.11 -22.33 1.66
C ARG B 170 7.66 -20.92 1.28
N ILE B 171 8.59 -19.97 1.19
CA ILE B 171 8.27 -18.64 0.66
C ILE B 171 7.97 -18.76 -0.82
N CYS B 172 6.85 -18.19 -1.27
CA CYS B 172 6.56 -18.22 -2.69
C CYS B 172 7.59 -17.40 -3.42
N LYS B 173 8.12 -17.98 -4.50
CA LYS B 173 9.24 -17.42 -5.22
C LYS B 173 8.90 -16.13 -5.98
N GLY B 174 7.71 -16.04 -6.55
CA GLY B 174 7.32 -14.87 -7.35
C GLY B 174 7.20 -13.57 -6.57
N PRO B 175 6.41 -13.58 -5.48
CA PRO B 175 6.43 -12.46 -4.55
C PRO B 175 7.84 -12.17 -4.04
N ARG B 176 8.54 -13.20 -3.57
CA ARG B 176 9.92 -13.05 -3.11
C ARG B 176 10.80 -12.32 -4.13
N ALA B 177 10.70 -12.74 -5.40
CA ALA B 177 11.49 -12.17 -6.48
C ALA B 177 11.24 -10.69 -6.59
N VAL B 178 10.01 -10.27 -6.33
CA VAL B 178 9.71 -8.84 -6.36
C VAL B 178 10.44 -8.06 -5.26
N PHE B 179 10.26 -8.45 -4.00
CA PHE B 179 10.96 -7.78 -2.90
C PHE B 179 12.46 -7.77 -3.07
N SER B 180 13.00 -8.86 -3.61
CA SER B 180 14.41 -8.93 -3.89
C SER B 180 14.82 -7.83 -4.81
N ARG B 181 14.05 -7.63 -5.87
CA ARG B 181 14.36 -6.62 -6.85
C ARG B 181 14.25 -5.22 -6.25
N ILE B 182 13.29 -5.00 -5.34
CA ILE B 182 13.23 -3.73 -4.57
C ILE B 182 14.48 -3.53 -3.71
N LEU B 183 14.89 -4.60 -3.04
CA LEU B 183 16.06 -4.54 -2.20
C LEU B 183 17.30 -4.20 -2.96
N LEU B 184 17.33 -4.67 -4.21
CA LEU B 184 18.45 -4.44 -5.08
C LEU B 184 18.54 -2.98 -5.42
N LEU B 185 17.36 -2.38 -5.64
CA LEU B 185 17.29 -0.96 -5.97
C LEU B 185 17.66 -0.12 -4.78
N PHE B 186 17.25 -0.56 -3.59
CA PHE B 186 17.56 0.16 -2.39
C PHE B 186 19.04 0.14 -2.14
N SER B 187 19.67 -0.97 -2.47
CA SER B 187 21.06 -1.23 -2.08
C SER B 187 22.06 -0.40 -2.86
N LEU B 188 21.78 -0.10 -4.12
CA LEU B 188 22.61 0.82 -4.90
C LEU B 188 22.93 2.14 -4.19
N THR B 189 21.90 2.71 -3.55
CA THR B 189 22.05 3.91 -2.73
C THR B 189 22.23 3.49 -1.28
N ASP B 190 23.50 3.22 -0.92
CA ASP B 190 23.92 2.68 0.38
C ASP B 190 25.26 1.92 0.23
N SER B 191 26.09 2.36 -0.72
CA SER B 191 27.41 1.78 -1.05
C SER B 191 27.28 0.47 -1.82
N MET B 192 26.02 0.07 -2.08
CA MET B 192 25.66 -1.24 -2.62
C MET B 192 25.36 -2.22 -1.46
N GLU B 193 24.83 -1.65 -0.35
CA GLU B 193 24.60 -2.35 0.95
C GLU B 193 25.62 -3.42 1.41
N ASP B 194 25.68 -4.55 0.68
CA ASP B 194 26.54 -5.69 1.00
C ASP B 194 26.90 -6.43 -0.30
N GLU B 195 28.12 -6.93 -0.38
CA GLU B 195 28.52 -7.81 -1.48
C GLU B 195 28.29 -9.30 -1.12
N ASP B 196 27.38 -9.54 -0.17
CA ASP B 196 27.06 -10.88 0.36
C ASP B 196 25.57 -11.13 0.71
N ALA B 197 24.72 -10.10 0.58
CA ALA B 197 23.32 -10.20 1.03
C ALA B 197 22.23 -9.73 0.04
N ALA B 198 22.32 -8.50 -0.46
CA ALA B 198 21.39 -7.99 -1.50
C ALA B 198 21.78 -8.58 -2.85
N CYS B 199 23.04 -9.00 -2.95
CA CYS B 199 23.52 -9.85 -4.01
C CYS B 199 23.34 -11.31 -3.58
N GLY B 200 23.82 -11.61 -2.37
CA GLY B 200 23.82 -12.97 -1.79
C GLY B 200 22.44 -13.60 -1.63
N GLY B 201 22.42 -14.94 -1.56
CA GLY B 201 21.16 -15.68 -1.67
C GLY B 201 20.47 -15.24 -2.95
N GLN B 202 19.20 -14.85 -2.81
CA GLN B 202 18.53 -14.10 -3.86
C GLN B 202 17.73 -12.99 -3.20
N GLY B 203 18.45 -11.93 -2.83
CA GLY B 203 17.87 -10.75 -2.17
C GLY B 203 17.60 -11.00 -0.70
N GLN B 204 18.49 -10.49 0.15
CA GLN B 204 18.27 -10.44 1.58
C GLN B 204 18.90 -9.15 2.10
N LEU B 205 18.59 -8.76 3.33
CA LEU B 205 19.21 -7.55 3.88
C LEU B 205 20.56 -7.84 4.49
N SER B 206 21.52 -6.95 4.29
CA SER B 206 22.76 -7.05 5.04
C SER B 206 22.43 -7.09 6.53
N THR B 207 23.25 -7.76 7.33
CA THR B 207 23.03 -7.78 8.77
C THR B 207 22.86 -6.37 9.31
N VAL B 208 23.81 -5.50 8.93
CA VAL B 208 23.85 -4.12 9.43
C VAL B 208 22.52 -3.40 9.12
N LEU B 209 22.04 -3.52 7.87
CA LEU B 209 20.79 -2.90 7.50
C LEU B 209 19.60 -3.53 8.20
N LEU B 210 19.46 -4.83 8.10
CA LEU B 210 18.38 -5.52 8.79
C LEU B 210 18.25 -5.10 10.25
N VAL B 211 19.34 -5.13 10.99
CA VAL B 211 19.28 -4.67 12.36
C VAL B 211 19.01 -3.15 12.45
N ASN B 212 19.77 -2.32 11.75
CA ASN B 212 19.75 -0.89 12.00
C ASN B 212 18.93 0.05 11.13
N LEU B 213 18.47 -0.37 9.96
CA LEU B 213 17.86 0.59 9.05
C LEU B 213 16.77 1.37 9.77
N GLY B 214 15.93 0.67 10.52
CA GLY B 214 14.82 1.29 11.25
C GLY B 214 15.16 2.42 12.22
N ARG B 215 16.40 2.46 12.69
CA ARG B 215 16.81 3.44 13.67
C ARG B 215 17.69 4.52 13.10
N MET B 216 18.17 4.29 11.88
CA MET B 216 19.14 5.18 11.29
C MET B 216 18.59 6.55 10.97
N GLU B 217 19.43 7.55 11.12
CA GLU B 217 19.09 8.91 10.79
C GLU B 217 20.05 9.37 9.71
N PHE B 218 19.56 9.73 8.54
CA PHE B 218 20.44 10.10 7.42
C PHE B 218 20.69 11.60 7.26
N PRO B 219 21.86 11.99 6.70
CA PRO B 219 22.11 13.41 6.50
C PRO B 219 21.01 13.99 5.62
N SER B 220 20.70 15.27 5.81
CA SER B 220 19.70 15.92 4.94
C SER B 220 20.34 16.42 3.68
N TYR B 221 19.55 16.34 2.62
CA TYR B 221 19.96 16.68 1.28
C TYR B 221 18.73 16.69 0.38
N THR B 222 18.88 17.24 -0.82
CA THR B 222 17.75 17.32 -1.73
C THR B 222 17.90 16.29 -2.82
N ILE B 223 17.04 15.28 -2.75
CA ILE B 223 16.88 14.35 -3.86
C ILE B 223 16.70 15.17 -5.13
N ASN B 224 17.19 14.66 -6.25
CA ASN B 224 17.28 15.44 -7.47
C ASN B 224 17.75 14.54 -8.60
N ARG B 225 16.79 13.93 -9.28
CA ARG B 225 17.06 12.95 -10.30
C ARG B 225 16.71 13.53 -11.63
N LYS B 226 17.61 13.46 -12.60
CA LYS B 226 17.23 13.88 -13.94
C LYS B 226 17.59 12.82 -14.99
N THR B 227 18.03 11.65 -14.53
CA THR B 227 18.51 10.62 -15.43
C THR B 227 18.04 9.22 -15.04
N HIS B 228 17.57 8.49 -16.05
CA HIS B 228 17.24 7.08 -15.89
C HIS B 228 18.50 6.25 -15.89
N ILE B 229 18.56 5.32 -14.94
CA ILE B 229 19.63 4.34 -14.96
C ILE B 229 19.20 3.17 -15.84
N PHE B 230 18.04 2.58 -15.53
CA PHE B 230 17.54 1.43 -16.29
C PHE B 230 16.53 1.82 -17.33
N GLN B 231 16.70 1.27 -18.54
CA GLN B 231 15.78 1.54 -19.64
C GLN B 231 14.39 1.10 -19.24
N ASP B 232 14.25 -0.20 -19.05
CA ASP B 232 12.98 -0.82 -18.74
C ASP B 232 13.14 -1.91 -17.67
N ARG B 233 12.03 -2.52 -17.31
CA ARG B 233 12.03 -3.60 -16.34
C ARG B 233 12.95 -4.73 -16.82
N ASP B 234 13.03 -4.90 -18.14
CA ASP B 234 13.91 -5.91 -18.74
C ASP B 234 15.34 -5.64 -18.34
N ASP B 235 15.79 -4.43 -18.64
CA ASP B 235 17.11 -3.95 -18.29
C ASP B 235 17.47 -4.16 -16.81
N LEU B 236 16.54 -3.86 -15.90
CA LEU B 236 16.78 -4.10 -14.48
C LEU B 236 16.97 -5.59 -14.24
N ILE B 237 16.13 -6.41 -14.86
CA ILE B 237 16.21 -7.85 -14.68
C ILE B 237 17.58 -8.38 -15.10
N ARG B 238 18.09 -7.86 -16.22
CA ARG B 238 19.43 -8.20 -16.68
C ARG B 238 20.44 -7.84 -15.61
N TYR B 239 20.43 -6.57 -15.20
CA TYR B 239 21.27 -6.10 -14.14
C TYR B 239 21.17 -7.00 -12.92
N ALA B 240 19.97 -7.47 -12.61
CA ALA B 240 19.77 -8.29 -11.41
C ALA B 240 20.36 -9.68 -11.60
N ALA B 241 20.24 -10.21 -12.83
CA ALA B 241 20.85 -11.49 -13.20
C ALA B 241 22.34 -11.43 -12.92
N ALA B 242 23.01 -10.48 -13.56
CA ALA B 242 24.44 -10.31 -13.43
C ALA B 242 24.85 -10.20 -11.98
N THR B 243 24.14 -9.35 -11.24
CA THR B 243 24.36 -9.21 -9.80
C THR B 243 24.33 -10.56 -9.04
N HIS B 244 23.35 -11.40 -9.31
CA HIS B 244 23.28 -12.69 -8.66
C HIS B 244 24.39 -13.59 -9.15
N MET B 245 24.82 -13.38 -10.39
CA MET B 245 25.92 -14.15 -10.91
C MET B 245 27.19 -13.77 -10.16
N LEU B 246 27.55 -12.49 -10.23
CA LEU B 246 28.69 -11.95 -9.49
C LEU B 246 28.69 -12.41 -8.04
N SER B 247 27.51 -12.51 -7.45
CA SER B 247 27.43 -12.95 -6.07
C SER B 247 27.80 -14.41 -5.91
N ASP B 248 27.32 -15.24 -6.82
CA ASP B 248 27.62 -16.66 -6.85
C ASP B 248 29.11 -16.96 -7.01
N ILE B 249 29.72 -16.39 -8.05
CA ILE B 249 31.16 -16.44 -8.20
C ILE B 249 31.84 -16.09 -6.88
N SER B 250 31.53 -14.93 -6.32
CA SER B 250 32.20 -14.49 -5.11
C SER B 250 32.04 -15.43 -3.96
N SER B 251 30.91 -16.12 -3.92
CA SER B 251 30.66 -17.03 -2.83
C SER B 251 31.56 -18.26 -2.95
N ALA B 252 31.74 -18.72 -4.20
CA ALA B 252 32.62 -19.86 -4.49
C ALA B 252 34.04 -19.56 -4.04
N MET B 253 34.62 -18.51 -4.61
CA MET B 253 35.93 -18.02 -4.20
C MET B 253 36.12 -18.01 -2.69
N ALA B 254 35.08 -17.59 -1.98
CA ALA B 254 35.18 -17.44 -0.53
C ALA B 254 35.27 -18.77 0.22
N ASN B 255 34.76 -19.84 -0.40
CA ASN B 255 34.72 -21.14 0.23
C ASN B 255 35.81 -22.04 -0.27
N GLY B 256 36.57 -21.54 -1.26
CA GLY B 256 37.64 -22.31 -1.87
C GLY B 256 37.22 -23.13 -3.08
N ASN B 257 35.96 -23.03 -3.49
CA ASN B 257 35.51 -23.84 -4.62
C ASN B 257 35.93 -23.26 -5.97
N TRP B 258 37.23 -23.11 -6.13
CA TRP B 258 37.80 -22.38 -7.24
C TRP B 258 37.44 -22.87 -8.61
N GLU B 259 37.25 -24.18 -8.73
CA GLU B 259 36.92 -24.79 -10.00
C GLU B 259 35.51 -24.41 -10.40
N GLU B 260 34.57 -24.70 -9.50
CA GLU B 260 33.20 -24.24 -9.67
C GLU B 260 33.20 -22.77 -10.13
N ALA B 261 33.92 -21.93 -9.38
CA ALA B 261 33.99 -20.50 -9.64
C ALA B 261 34.44 -20.20 -11.07
N LYS B 262 35.30 -21.05 -11.61
CA LYS B 262 35.75 -20.86 -12.97
C LYS B 262 34.59 -21.11 -13.92
N GLU B 263 33.93 -22.27 -13.80
CA GLU B 263 32.82 -22.63 -14.69
C GLU B 263 31.86 -21.45 -14.77
N LEU B 264 31.54 -20.92 -13.58
CA LEU B 264 30.63 -19.79 -13.42
C LEU B 264 31.12 -18.59 -14.23
N ALA B 265 32.38 -18.23 -14.01
CA ALA B 265 32.95 -17.08 -14.67
C ALA B 265 32.89 -17.15 -16.19
N GLN B 266 33.13 -18.34 -16.74
CA GLN B 266 33.15 -18.50 -18.18
C GLN B 266 31.75 -18.39 -18.71
N CYS B 267 30.83 -19.07 -18.03
CA CYS B 267 29.42 -18.99 -18.34
C CYS B 267 28.98 -17.53 -18.32
N ALA B 268 29.43 -16.79 -17.32
CA ALA B 268 29.19 -15.36 -17.24
C ALA B 268 29.86 -14.61 -18.39
N LYS B 269 31.07 -15.01 -18.76
CA LYS B 269 31.78 -14.31 -19.83
C LYS B 269 31.03 -14.41 -21.15
N ARG B 270 30.48 -15.58 -21.44
CA ARG B 270 29.76 -15.76 -22.69
C ARG B 270 28.41 -15.05 -22.65
N ASP B 271 27.77 -15.03 -21.48
CA ASP B 271 26.48 -14.35 -21.29
C ASP B 271 26.60 -12.87 -21.66
N TRP B 272 27.66 -12.26 -21.17
CA TRP B 272 28.00 -10.87 -21.45
C TRP B 272 28.31 -10.64 -22.94
N ASN B 273 28.88 -11.64 -23.60
CA ASN B 273 29.24 -11.53 -25.01
C ASN B 273 28.04 -11.58 -25.94
N ARG B 274 26.95 -12.20 -25.48
CA ARG B 274 25.67 -12.16 -26.19
C ARG B 274 25.14 -10.73 -26.14
N LEU B 275 25.12 -10.16 -24.95
CA LEU B 275 24.55 -8.83 -24.70
C LEU B 275 25.36 -7.68 -25.31
N LYS B 276 26.56 -7.98 -25.80
CA LYS B 276 27.46 -6.97 -26.37
C LYS B 276 26.78 -5.93 -27.26
N ASN B 277 25.83 -6.39 -28.07
CA ASN B 277 25.24 -5.55 -29.10
C ASN B 277 23.95 -4.87 -28.71
N HIS B 278 23.32 -5.40 -27.67
CA HIS B 278 22.03 -4.89 -27.18
C HIS B 278 21.98 -3.37 -27.06
N PRO B 279 20.88 -2.75 -27.51
CA PRO B 279 20.70 -1.28 -27.52
C PRO B 279 20.80 -0.60 -26.16
N SER B 280 20.31 -1.24 -25.11
CA SER B 280 20.38 -0.66 -23.77
C SER B 280 21.77 -0.15 -23.46
N LEU B 281 22.78 -0.90 -23.93
CA LEU B 281 24.19 -0.57 -23.64
C LEU B 281 24.59 0.81 -24.14
N ARG B 282 24.22 1.16 -25.37
CA ARG B 282 24.52 2.48 -25.92
C ARG B 282 24.20 3.56 -24.87
N CYS B 283 23.02 3.43 -24.25
CA CYS B 283 22.59 4.37 -23.22
C CYS B 283 23.43 4.30 -21.96
N HIS B 284 23.78 3.09 -21.54
CA HIS B 284 24.58 2.88 -20.34
C HIS B 284 25.92 3.58 -20.51
N GLU B 285 26.58 3.27 -21.62
CA GLU B 285 27.86 3.86 -21.99
C GLU B 285 27.82 5.38 -21.88
N ASP B 286 26.63 5.94 -22.07
CA ASP B 286 26.41 7.38 -22.10
C ASP B 286 26.22 8.00 -20.72
N LEU B 287 25.95 7.17 -19.71
CA LEU B 287 25.76 7.62 -18.33
C LEU B 287 27.04 8.17 -17.76
N PRO B 288 26.94 9.14 -16.82
CA PRO B 288 28.17 9.61 -16.18
C PRO B 288 28.74 8.44 -15.42
N LEU B 289 30.02 8.48 -15.10
CA LEU B 289 30.61 7.37 -14.35
C LEU B 289 29.93 7.05 -13.02
N PHE B 290 29.67 8.04 -12.17
CA PHE B 290 29.06 7.71 -10.89
C PHE B 290 27.74 6.95 -11.03
N LEU B 291 27.17 6.91 -12.23
CA LEU B 291 25.94 6.13 -12.45
C LEU B 291 26.15 4.90 -13.30
N ARG B 292 27.21 4.89 -14.09
CA ARG B 292 27.46 3.79 -15.02
C ARG B 292 27.76 2.49 -14.28
N CYS B 293 28.31 2.61 -13.07
CA CYS B 293 28.59 1.43 -12.26
C CYS B 293 27.35 0.65 -11.89
N PHE B 294 26.18 1.19 -12.18
CA PHE B 294 24.94 0.47 -11.95
C PHE B 294 24.35 -0.04 -13.26
N THR B 295 25.18 -0.66 -14.10
CA THR B 295 24.68 -1.26 -15.34
C THR B 295 25.13 -2.70 -15.51
N VAL B 296 24.48 -3.46 -16.39
CA VAL B 296 24.90 -4.82 -16.65
C VAL B 296 26.39 -4.86 -16.93
N GLY B 297 26.80 -4.11 -17.96
CA GLY B 297 28.19 -4.05 -18.40
C GLY B 297 29.21 -3.89 -17.29
N TRP B 298 28.92 -3.02 -16.33
CA TRP B 298 29.85 -2.78 -15.27
C TRP B 298 29.91 -4.00 -14.39
N ILE B 299 28.77 -4.58 -14.08
CA ILE B 299 28.78 -5.78 -13.25
C ILE B 299 29.55 -6.90 -13.92
N TYR B 300 29.34 -7.11 -15.21
CA TYR B 300 30.05 -8.18 -15.92
C TYR B 300 31.55 -7.94 -15.93
N THR B 301 31.92 -6.69 -16.14
CA THR B 301 33.32 -6.31 -16.06
C THR B 301 33.87 -6.71 -14.69
N ARG B 302 33.15 -6.39 -13.63
CA ARG B 302 33.59 -6.80 -12.30
C ARG B 302 33.80 -8.31 -12.19
N ILE B 303 32.87 -9.08 -12.75
CA ILE B 303 32.99 -10.53 -12.86
C ILE B 303 34.32 -10.85 -13.54
N LEU B 304 34.56 -10.26 -14.73
CA LEU B 304 35.77 -10.53 -15.49
C LEU B 304 37.01 -10.36 -14.64
N SER B 305 37.01 -9.30 -13.86
CA SER B 305 38.08 -9.04 -12.94
C SER B 305 38.23 -10.18 -11.94
N ARG B 306 37.11 -10.68 -11.40
CA ARG B 306 37.16 -11.81 -10.48
C ARG B 306 37.69 -13.03 -11.21
N PHE B 307 37.34 -13.13 -12.50
CA PHE B 307 37.80 -14.21 -13.35
C PHE B 307 39.32 -14.25 -13.35
N VAL B 308 39.96 -13.12 -13.65
CA VAL B 308 41.41 -13.04 -13.56
C VAL B 308 42.01 -13.36 -12.17
N GLU B 309 41.27 -13.16 -11.10
CA GLU B 309 41.76 -13.60 -9.78
C GLU B 309 41.68 -15.11 -9.65
N ILE B 310 40.69 -15.72 -10.31
CA ILE B 310 40.53 -17.15 -10.25
C ILE B 310 41.62 -17.78 -11.12
N LEU B 311 41.79 -17.26 -12.34
CA LEU B 311 42.85 -17.72 -13.22
C LEU B 311 44.20 -17.76 -12.50
N GLN B 312 44.54 -16.70 -11.79
CA GLN B 312 45.78 -16.66 -11.04
C GLN B 312 45.84 -17.70 -9.93
N ARG B 313 44.73 -17.95 -9.27
CA ARG B 313 44.73 -18.89 -8.16
C ARG B 313 44.91 -20.31 -8.65
N LEU B 314 44.44 -20.59 -9.87
CA LEU B 314 44.68 -21.87 -10.53
C LEU B 314 45.97 -21.84 -11.37
N HIS B 315 46.88 -20.93 -11.00
CA HIS B 315 48.19 -20.71 -11.67
C HIS B 315 48.16 -20.70 -13.22
N MET B 316 47.06 -20.26 -13.81
CA MET B 316 46.89 -20.21 -15.27
C MET B 316 47.17 -18.79 -15.76
N TYR B 317 48.44 -18.40 -15.74
CA TYR B 317 48.81 -17.00 -15.94
C TYR B 317 48.73 -16.45 -17.37
N GLU B 318 48.85 -17.29 -18.38
CA GLU B 318 48.75 -16.81 -19.77
C GLU B 318 47.34 -16.29 -20.02
N GLU B 319 46.42 -16.90 -19.30
CA GLU B 319 45.01 -16.67 -19.49
C GLU B 319 44.58 -15.46 -18.66
N ALA B 320 45.04 -15.40 -17.42
CA ALA B 320 44.93 -14.17 -16.65
C ALA B 320 45.44 -12.99 -17.47
N VAL B 321 46.62 -13.11 -18.06
CA VAL B 321 47.17 -12.04 -18.90
C VAL B 321 46.29 -11.70 -20.11
N ARG B 322 45.60 -12.69 -20.68
CA ARG B 322 44.72 -12.41 -21.81
C ARG B 322 43.54 -11.56 -21.36
N GLU B 323 42.92 -11.98 -20.26
CA GLU B 323 41.76 -11.30 -19.73
C GLU B 323 42.10 -9.87 -19.32
N LEU B 324 43.27 -9.71 -18.69
CA LEU B 324 43.78 -8.41 -18.25
C LEU B 324 44.02 -7.48 -19.43
N GLU B 325 44.51 -8.03 -20.52
CA GLU B 325 44.74 -7.22 -21.70
C GLU B 325 43.41 -6.85 -22.28
N SER B 326 42.47 -7.78 -22.19
CA SER B 326 41.15 -7.57 -22.76
C SER B 326 40.38 -6.49 -22.02
N LEU B 327 40.41 -6.53 -20.69
CA LEU B 327 39.85 -5.46 -19.88
C LEU B 327 40.50 -4.14 -20.25
N LEU B 328 41.83 -4.09 -20.19
CA LEU B 328 42.55 -2.84 -20.35
C LEU B 328 42.38 -2.23 -21.74
N SER B 329 41.72 -2.98 -22.62
CA SER B 329 41.54 -2.57 -24.02
C SER B 329 40.30 -1.71 -24.25
N GLN B 330 39.59 -1.44 -23.17
CA GLN B 330 38.37 -0.62 -23.21
C GLN B 330 38.32 0.31 -22.00
N ARG B 331 37.78 1.50 -22.21
CA ARG B 331 37.77 2.48 -21.15
C ARG B 331 36.37 2.68 -20.59
N ILE B 332 35.37 2.04 -21.21
CA ILE B 332 33.96 2.23 -20.83
C ILE B 332 33.65 1.81 -19.39
N TYR B 333 34.22 0.70 -18.95
CA TYR B 333 33.89 0.17 -17.62
C TYR B 333 35.03 0.18 -16.63
N CYS B 334 34.69 0.21 -15.36
CA CYS B 334 35.68 0.14 -14.30
C CYS B 334 36.98 0.93 -14.51
N PRO B 335 36.92 2.16 -15.03
CA PRO B 335 38.18 2.82 -15.28
C PRO B 335 39.02 2.98 -14.02
N ASP B 336 38.39 3.07 -12.87
CA ASP B 336 39.14 3.14 -11.61
C ASP B 336 40.03 1.91 -11.38
N SER B 337 39.58 0.75 -11.88
CA SER B 337 40.28 -0.54 -11.74
C SER B 337 41.57 -0.71 -12.56
N ARG B 338 41.79 0.18 -13.53
CA ARG B 338 42.96 0.10 -14.40
C ARG B 338 44.26 0.00 -13.63
N GLY B 339 44.43 0.82 -12.62
CA GLY B 339 45.57 0.71 -11.72
C GLY B 339 45.81 -0.73 -11.34
N ARG B 340 44.87 -1.34 -10.63
CA ARG B 340 44.98 -2.73 -10.25
C ARG B 340 45.32 -3.63 -11.46
N TRP B 341 44.68 -3.39 -12.61
CA TRP B 341 44.96 -4.19 -13.83
C TRP B 341 46.40 -4.10 -14.34
N TRP B 342 46.82 -2.90 -14.77
CA TRP B 342 48.20 -2.68 -15.20
C TRP B 342 49.20 -3.30 -14.24
N ASP B 343 49.04 -3.00 -12.96
CA ASP B 343 49.90 -3.55 -11.93
C ASP B 343 49.94 -5.05 -11.98
N ARG B 344 48.75 -5.64 -12.06
CA ARG B 344 48.60 -7.07 -12.02
C ARG B 344 49.14 -7.70 -13.31
N LEU B 345 48.89 -7.02 -14.43
CA LEU B 345 49.47 -7.43 -15.69
C LEU B 345 50.99 -7.53 -15.60
N ALA B 346 51.64 -6.43 -15.22
CA ALA B 346 53.08 -6.40 -15.05
C ALA B 346 53.56 -7.52 -14.14
N LEU B 347 53.03 -7.63 -12.92
CA LEU B 347 53.44 -8.72 -12.01
C LEU B 347 53.30 -10.11 -12.65
N ASN B 348 52.24 -10.35 -13.41
CA ASN B 348 52.10 -11.64 -14.09
C ASN B 348 53.16 -11.82 -15.17
N LEU B 349 53.30 -10.82 -16.04
CA LEU B 349 54.30 -10.90 -17.10
C LEU B 349 55.71 -11.11 -16.57
N HIS B 350 56.12 -10.31 -15.59
CA HIS B 350 57.49 -10.32 -15.11
C HIS B 350 57.83 -11.53 -14.23
N GLN B 351 56.94 -11.88 -13.32
CA GLN B 351 57.24 -12.89 -12.33
C GLN B 351 56.68 -14.29 -12.61
N HIS B 352 55.65 -14.37 -13.45
CA HIS B 352 55.03 -15.65 -13.76
C HIS B 352 55.20 -16.03 -15.23
N LEU B 353 55.50 -15.06 -16.09
CA LEU B 353 55.72 -15.37 -17.51
C LEU B 353 57.08 -14.95 -18.03
N LYS B 354 57.92 -14.44 -17.13
CA LYS B 354 59.30 -14.06 -17.44
C LYS B 354 59.51 -13.39 -18.80
N ARG B 355 58.44 -12.83 -19.36
CA ARG B 355 58.53 -12.18 -20.67
C ARG B 355 58.78 -10.67 -20.48
N LEU B 356 60.06 -10.28 -20.52
CA LEU B 356 60.50 -8.92 -20.16
C LEU B 356 60.17 -7.82 -21.17
N GLU B 357 60.29 -8.13 -22.45
CA GLU B 357 59.88 -7.20 -23.52
C GLU B 357 58.44 -6.71 -23.31
N PRO B 358 57.47 -7.64 -23.22
CA PRO B 358 56.10 -7.22 -22.94
C PRO B 358 55.90 -6.63 -21.55
N THR B 359 56.72 -7.04 -20.57
CA THR B 359 56.69 -6.45 -19.22
C THR B 359 57.04 -4.96 -19.24
N ILE B 360 57.95 -4.56 -20.12
CA ILE B 360 58.31 -3.15 -20.24
C ILE B 360 57.20 -2.34 -20.93
N LYS B 361 56.65 -2.85 -22.04
CA LYS B 361 55.57 -2.14 -22.73
C LYS B 361 54.43 -1.87 -21.75
N CYS B 362 53.94 -2.96 -21.16
CA CYS B 362 52.99 -2.96 -20.06
C CYS B 362 53.21 -1.75 -19.14
N ILE B 363 54.32 -1.75 -18.41
CA ILE B 363 54.67 -0.65 -17.54
C ILE B 363 54.63 0.71 -18.24
N THR B 364 55.16 0.83 -19.45
CA THR B 364 55.15 2.13 -20.13
C THR B 364 53.75 2.66 -20.33
N GLU B 365 52.88 1.87 -20.93
CA GLU B 365 51.48 2.28 -21.14
C GLU B 365 50.78 2.60 -19.82
N GLY B 366 50.93 1.68 -18.86
CA GLY B 366 50.41 1.82 -17.50
C GLY B 366 50.67 3.17 -16.88
N LEU B 367 51.91 3.64 -16.94
CA LEU B 367 52.26 4.96 -16.43
C LEU B 367 51.78 6.11 -17.30
N ALA B 368 51.43 5.84 -18.55
CA ALA B 368 50.90 6.88 -19.43
C ALA B 368 49.43 7.12 -19.18
N ASP B 369 48.76 6.13 -18.56
CA ASP B 369 47.33 6.17 -18.25
C ASP B 369 46.94 7.06 -17.04
N PRO B 370 46.22 8.18 -17.30
CA PRO B 370 45.86 9.12 -16.23
C PRO B 370 44.93 8.52 -15.18
N GLU B 371 44.41 7.32 -15.45
CA GLU B 371 43.50 6.61 -14.55
C GLU B 371 44.24 5.72 -13.56
N VAL B 372 45.55 5.64 -13.68
CA VAL B 372 46.32 4.91 -12.67
C VAL B 372 46.83 5.93 -11.66
N ARG B 373 46.84 5.58 -10.39
CA ARG B 373 47.15 6.55 -9.35
C ARG B 373 47.85 5.92 -8.15
N THR B 374 48.39 6.79 -7.31
CA THR B 374 48.87 6.44 -5.97
C THR B 374 49.59 5.08 -5.94
N GLY B 375 49.06 4.11 -5.21
CA GLY B 375 49.67 2.78 -5.05
C GLY B 375 50.10 2.07 -6.32
N HIS B 376 49.18 1.86 -7.24
CA HIS B 376 49.52 1.20 -8.50
C HIS B 376 50.31 2.07 -9.45
N ARG B 377 50.34 3.37 -9.24
CA ARG B 377 51.24 4.16 -10.07
C ARG B 377 52.67 4.05 -9.53
N LEU B 378 52.82 3.93 -8.21
CA LEU B 378 54.13 3.77 -7.59
C LEU B 378 54.68 2.37 -7.81
N SER B 379 53.80 1.37 -7.70
CA SER B 379 54.18 -0.01 -7.91
C SER B 379 54.73 -0.22 -9.32
N LEU B 380 54.02 0.27 -10.33
CA LEU B 380 54.50 0.22 -11.71
C LEU B 380 55.86 0.89 -11.89
N TYR B 381 56.04 2.08 -11.31
CA TYR B 381 57.32 2.78 -11.40
C TYR B 381 58.42 2.02 -10.65
N GLN B 382 58.09 1.42 -9.51
CA GLN B 382 59.08 0.73 -8.70
C GLN B 382 59.50 -0.60 -9.34
N ARG B 383 58.62 -1.17 -10.15
CA ARG B 383 59.00 -2.31 -10.96
C ARG B 383 59.90 -1.82 -12.09
N ALA B 384 59.54 -0.69 -12.69
CA ALA B 384 60.35 -0.12 -13.78
C ALA B 384 61.80 0.13 -13.39
N VAL B 385 62.04 0.59 -12.15
CA VAL B 385 63.44 0.79 -11.68
C VAL B 385 64.12 -0.56 -11.49
N ARG B 386 63.43 -1.47 -10.81
CA ARG B 386 63.92 -2.82 -10.63
C ARG B 386 64.42 -3.44 -11.93
N LEU B 387 63.65 -3.25 -13.02
CA LEU B 387 64.03 -3.72 -14.34
C LEU B 387 65.29 -3.04 -14.90
N ARG B 388 65.21 -1.76 -15.30
CA ARG B 388 66.36 -1.07 -15.94
C ARG B 388 67.61 -0.99 -15.05
N GLU B 389 67.47 -1.43 -13.80
CA GLU B 389 68.60 -1.57 -12.89
C GLU B 389 68.63 -3.01 -12.40
N SER B 390 68.92 -3.91 -13.34
CA SER B 390 69.04 -5.34 -13.09
C SER B 390 69.97 -5.95 -14.14
N PRO B 391 70.80 -6.94 -13.72
CA PRO B 391 71.73 -7.56 -14.67
C PRO B 391 71.00 -8.18 -15.87
N SER B 392 70.00 -9.00 -15.60
CA SER B 392 69.28 -9.76 -16.63
C SER B 392 68.46 -8.90 -17.59
N CYS B 393 68.85 -7.64 -17.76
CA CYS B 393 68.04 -6.68 -18.51
C CYS B 393 68.88 -5.72 -19.31
N LYS B 394 70.16 -5.65 -18.97
CA LYS B 394 71.05 -4.64 -19.52
C LYS B 394 71.12 -4.62 -21.05
N LYS B 395 70.31 -5.45 -21.69
CA LYS B 395 70.23 -5.54 -23.14
C LYS B 395 69.28 -4.52 -23.77
N PHE B 396 69.06 -3.40 -23.07
CA PHE B 396 68.12 -2.37 -23.55
C PHE B 396 68.38 -1.00 -22.91
N LYS B 397 67.99 0.06 -23.61
CA LYS B 397 68.02 1.43 -23.08
C LYS B 397 66.66 2.10 -23.22
N HIS B 398 65.62 1.29 -23.01
CA HIS B 398 64.24 1.69 -23.29
C HIS B 398 63.37 1.92 -22.02
N LEU B 399 64.00 1.89 -20.84
CA LEU B 399 63.38 2.41 -19.60
C LEU B 399 64.16 3.60 -19.00
N PHE B 400 65.31 3.93 -19.60
CA PHE B 400 65.98 5.21 -19.36
C PHE B 400 65.13 6.31 -20.01
N GLN B 401 64.22 5.87 -20.88
CA GLN B 401 63.26 6.74 -21.57
C GLN B 401 62.40 7.50 -20.57
N GLN B 402 62.65 8.80 -20.49
CA GLN B 402 61.86 9.74 -19.67
C GLN B 402 60.94 9.07 -18.63
N LEU B 403 61.55 8.64 -17.52
CA LEU B 403 60.81 8.22 -16.35
C LEU B 403 60.67 9.40 -15.41
N PRO B 404 59.41 9.86 -15.16
CA PRO B 404 59.19 10.88 -14.15
C PRO B 404 59.76 10.37 -12.83
N GLU B 405 61.01 10.73 -12.54
CA GLU B 405 61.78 10.13 -11.44
C GLU B 405 61.15 10.45 -10.08
N MET B 406 59.99 9.83 -9.86
CA MET B 406 59.13 9.96 -8.69
C MET B 406 59.81 9.46 -7.42
N ALA B 407 60.74 10.26 -6.91
CA ALA B 407 61.48 9.93 -5.69
C ALA B 407 60.64 10.22 -4.47
N VAL B 408 59.72 9.30 -4.17
CA VAL B 408 58.96 9.35 -2.94
C VAL B 408 59.96 9.60 -1.81
N GLN B 409 59.85 10.80 -1.25
CA GLN B 409 60.80 11.29 -0.27
C GLN B 409 60.92 10.31 0.89
N ASP B 410 62.16 10.13 1.37
CA ASP B 410 62.44 9.14 2.40
C ASP B 410 62.09 9.59 3.82
N VAL B 411 61.73 8.61 4.64
CA VAL B 411 61.04 8.84 5.88
C VAL B 411 61.78 8.25 7.07
N LYS B 412 61.58 8.88 8.22
CA LYS B 412 62.20 8.47 9.47
C LYS B 412 61.63 7.16 10.02
N HIS B 413 62.43 6.11 9.99
CA HIS B 413 62.04 4.83 10.61
C HIS B 413 62.52 4.75 12.04
N VAL B 414 62.01 3.79 12.80
CA VAL B 414 62.32 3.63 14.22
C VAL B 414 62.01 2.17 14.59
N THR B 415 62.67 1.66 15.62
CA THR B 415 62.38 0.30 16.08
C THR B 415 62.20 0.19 17.59
N ILE B 416 61.08 -0.39 17.99
CA ILE B 416 60.83 -0.75 19.39
C ILE B 416 60.69 -2.28 19.50
N THR B 417 60.56 -2.77 20.72
CA THR B 417 60.39 -4.20 20.96
C THR B 417 59.25 -4.50 21.92
N GLY B 418 58.81 -5.75 21.93
CA GLY B 418 57.78 -6.23 22.83
C GLY B 418 57.81 -7.74 22.87
N ARG B 419 57.27 -8.33 23.94
CA ARG B 419 57.27 -9.78 24.10
C ARG B 419 56.05 -10.43 23.47
N LEU B 420 56.28 -11.17 22.39
CA LEU B 420 55.22 -11.87 21.64
C LEU B 420 54.48 -12.88 22.53
N CYS B 421 53.27 -13.24 22.10
CA CYS B 421 52.38 -14.10 22.87
C CYS B 421 52.46 -15.56 22.42
N LYS B 428 45.49 -12.44 14.42
CA LYS B 428 46.24 -11.20 14.59
C LYS B 428 47.24 -11.29 15.74
N SER B 429 48.45 -10.76 15.52
CA SER B 429 49.58 -10.86 16.47
C SER B 429 49.30 -10.29 17.87
N VAL B 430 49.40 -11.16 18.87
CA VAL B 430 49.22 -10.76 20.26
C VAL B 430 50.57 -10.59 20.95
N PHE B 431 50.68 -9.54 21.75
CA PHE B 431 51.88 -9.27 22.53
C PHE B 431 51.49 -9.15 24.00
N VAL B 432 52.49 -9.03 24.86
CA VAL B 432 52.27 -8.84 26.30
C VAL B 432 53.08 -7.62 26.75
N MET B 433 52.65 -6.99 27.84
CA MET B 433 53.33 -5.78 28.34
C MET B 433 53.37 -5.66 29.87
N VAL B 444 48.52 -8.17 31.08
CA VAL B 444 47.62 -7.57 30.08
C VAL B 444 48.18 -7.71 28.66
N LEU B 445 47.32 -8.18 27.75
CA LEU B 445 47.69 -8.44 26.36
C LEU B 445 47.26 -7.29 25.46
N CYS B 446 47.99 -7.08 24.36
CA CYS B 446 47.71 -5.94 23.47
C CYS B 446 48.13 -6.19 22.02
N SER B 447 47.58 -5.38 21.11
CA SER B 447 47.96 -5.41 19.71
C SER B 447 49.32 -4.73 19.48
N VAL B 448 49.84 -4.88 18.26
CA VAL B 448 51.08 -4.25 17.81
C VAL B 448 50.98 -2.73 17.92
N GLU B 449 49.90 -2.21 17.36
CA GLU B 449 49.65 -0.78 17.33
C GLU B 449 49.45 -0.18 18.74
N GLU B 450 48.81 -0.92 19.63
CA GLU B 450 48.62 -0.50 21.03
C GLU B 450 49.92 -0.40 21.80
N LEU B 451 50.86 -1.29 21.46
CA LEU B 451 52.18 -1.30 22.04
C LEU B 451 53.00 -0.11 21.56
N ALA B 452 52.81 0.26 20.29
CA ALA B 452 53.48 1.45 19.74
C ALA B 452 52.98 2.74 20.41
N LEU B 453 51.66 2.81 20.65
CA LEU B 453 51.04 3.92 21.37
C LEU B 453 51.70 4.15 22.73
N ALA B 454 51.89 3.07 23.49
CA ALA B 454 52.55 3.12 24.80
C ALA B 454 53.98 3.67 24.71
N HIS B 455 54.67 3.37 23.60
CA HIS B 455 56.00 3.92 23.34
C HIS B 455 55.92 5.42 23.19
N TYR B 456 54.96 5.87 22.40
CA TYR B 456 54.83 7.30 22.11
C TYR B 456 54.31 8.13 23.28
N ARG B 457 53.53 7.49 24.16
CA ARG B 457 53.09 8.12 25.41
C ARG B 457 54.27 8.42 26.31
N ARG B 458 55.21 7.48 26.39
CA ARG B 458 56.41 7.65 27.17
C ARG B 458 57.48 8.41 26.38
N SER B 459 57.21 8.65 25.10
CA SER B 459 58.05 9.54 24.29
C SER B 459 57.54 10.99 24.32
N GLY B 460 56.49 11.22 25.13
CA GLY B 460 55.96 12.57 25.35
C GLY B 460 54.73 12.98 24.56
N PHE B 461 54.11 12.03 23.85
CA PHE B 461 52.86 12.26 23.14
C PHE B 461 51.70 11.64 23.93
N ASP B 462 51.25 12.32 24.97
CA ASP B 462 50.21 11.79 25.86
C ASP B 462 48.92 11.36 25.13
N GLN B 463 48.70 11.98 23.97
CA GLN B 463 47.48 11.78 23.22
C GLN B 463 47.72 10.95 21.97
N GLY B 464 46.77 10.08 21.64
CA GLY B 464 46.92 9.22 20.48
C GLY B 464 45.70 8.42 20.08
N ILE B 465 45.53 8.25 18.78
CA ILE B 465 44.42 7.46 18.25
C ILE B 465 44.94 6.42 17.25
N HIS B 466 44.60 5.16 17.49
CA HIS B 466 44.75 4.13 16.48
C HIS B 466 43.49 4.14 15.60
N GLY B 467 43.52 4.90 14.52
CA GLY B 467 42.32 5.03 13.69
C GLY B 467 42.54 4.85 12.20
N GLU B 468 43.77 4.50 11.84
CA GLU B 468 44.13 4.35 10.44
C GLU B 468 43.57 5.53 9.65
N GLY B 469 42.87 5.27 8.56
CA GLY B 469 42.46 6.32 7.65
C GLY B 469 41.16 7.00 8.02
N SER B 470 40.45 6.48 9.02
CA SER B 470 39.15 7.04 9.37
C SER B 470 39.27 8.28 10.23
N THR B 471 40.35 8.38 11.00
CA THR B 471 40.63 9.59 11.73
C THR B 471 40.50 10.74 10.75
N PHE B 472 41.34 10.72 9.73
CA PHE B 472 41.34 11.78 8.72
C PHE B 472 40.06 11.82 7.96
N SER B 473 39.46 10.67 7.74
CA SER B 473 38.22 10.63 7.02
C SER B 473 37.09 11.38 7.74
N THR B 474 36.90 11.09 9.03
CA THR B 474 35.83 11.78 9.75
C THR B 474 36.18 13.28 9.81
N LEU B 475 37.44 13.64 10.07
CA LEU B 475 37.81 15.05 10.08
C LEU B 475 37.37 15.73 8.80
N TYR B 476 37.65 15.09 7.66
CA TYR B 476 37.28 15.64 6.38
C TYR B 476 35.76 15.82 6.28
N GLY B 477 35.00 14.77 6.59
CA GLY B 477 33.54 14.85 6.61
C GLY B 477 33.02 15.89 7.59
N LEU B 478 33.66 16.02 8.77
CA LEU B 478 33.29 17.11 9.68
C LEU B 478 33.47 18.44 8.98
N LEU B 479 34.70 18.75 8.58
CA LEU B 479 34.97 20.02 7.92
C LEU B 479 34.23 20.28 6.61
N LEU B 480 33.82 19.26 5.87
CA LEU B 480 33.20 19.52 4.55
C LEU B 480 31.74 19.11 4.37
N TRP B 481 31.13 18.73 5.50
CA TRP B 481 29.80 18.15 5.50
C TRP B 481 28.82 18.75 4.47
N ASP B 482 28.73 20.07 4.51
CA ASP B 482 27.69 20.83 3.83
C ASP B 482 27.98 20.95 2.36
N ILE B 483 29.24 20.75 2.01
CA ILE B 483 29.65 20.77 0.62
C ILE B 483 29.51 19.34 0.10
N ILE B 484 29.75 18.38 0.98
CA ILE B 484 29.53 17.00 0.61
C ILE B 484 28.05 16.88 0.22
N PHE B 485 27.19 17.40 1.10
CA PHE B 485 25.74 17.28 0.95
C PHE B 485 25.04 18.47 0.27
N MET B 486 25.85 19.37 -0.26
CA MET B 486 25.42 20.47 -1.10
C MET B 486 24.31 20.11 -2.09
N ASP B 487 23.43 21.08 -2.35
CA ASP B 487 22.45 20.97 -3.42
C ASP B 487 23.05 21.41 -4.75
N GLY B 488 22.32 21.13 -5.83
CA GLY B 488 22.71 21.67 -7.13
C GLY B 488 23.43 20.73 -8.08
N ILE B 489 23.62 19.48 -7.67
CA ILE B 489 24.23 18.47 -8.53
C ILE B 489 23.20 17.37 -8.86
N PRO B 490 22.78 17.32 -10.12
CA PRO B 490 21.76 16.34 -10.53
C PRO B 490 22.22 14.87 -10.40
N ASP B 491 21.30 14.01 -9.98
CA ASP B 491 21.49 12.56 -9.93
C ASP B 491 22.37 11.99 -8.83
N VAL B 492 23.11 12.84 -8.12
CA VAL B 492 23.97 12.33 -7.08
C VAL B 492 23.21 11.98 -5.81
N PHE B 493 21.99 12.47 -5.70
CA PHE B 493 21.12 11.97 -4.64
C PHE B 493 19.85 11.48 -5.29
N ARG B 494 19.54 10.21 -5.10
CA ARG B 494 18.42 9.63 -5.82
C ARG B 494 17.32 9.15 -4.89
N ASN B 495 17.63 9.03 -3.61
CA ASN B 495 16.60 8.68 -2.64
C ASN B 495 16.96 8.78 -1.18
N ALA B 496 15.95 8.50 -0.35
CA ALA B 496 15.95 8.81 1.07
C ALA B 496 17.15 8.38 1.89
N CYS B 497 17.69 7.18 1.65
CA CYS B 497 18.64 6.61 2.61
C CYS B 497 20.11 6.64 2.21
N GLN B 498 20.57 7.71 1.57
CA GLN B 498 21.98 7.83 1.19
C GLN B 498 22.86 8.29 2.34
N ALA B 499 24.14 7.94 2.34
CA ALA B 499 25.08 8.44 3.35
C ALA B 499 26.26 9.09 2.65
N PHE B 500 26.07 9.35 1.37
CA PHE B 500 27.08 10.02 0.53
C PHE B 500 26.46 10.36 -0.81
N PRO B 501 26.96 11.41 -1.47
CA PRO B 501 26.55 11.66 -2.84
C PRO B 501 27.12 10.56 -3.70
N LEU B 502 26.33 10.04 -4.64
CA LEU B 502 26.78 8.94 -5.51
C LEU B 502 28.07 9.24 -6.28
N ASP B 503 28.35 10.51 -6.49
CA ASP B 503 29.55 10.85 -7.20
C ASP B 503 30.76 10.99 -6.26
N LEU B 504 30.59 10.70 -4.96
CA LEU B 504 31.66 10.87 -3.94
C LEU B 504 33.02 10.24 -4.23
N CYS B 505 33.04 9.03 -4.82
CA CYS B 505 34.29 8.34 -5.15
C CYS B 505 34.50 8.38 -6.63
N THR B 506 34.61 9.61 -7.15
CA THR B 506 34.65 9.82 -8.57
C THR B 506 35.49 11.03 -8.80
N ASP B 507 36.03 11.15 -10.01
CA ASP B 507 36.73 12.34 -10.39
C ASP B 507 35.79 13.55 -10.32
N SER B 508 34.52 13.32 -10.67
CA SER B 508 33.54 14.39 -10.85
C SER B 508 33.13 15.08 -9.56
N PHE B 509 33.11 14.35 -8.45
CA PHE B 509 32.78 14.96 -7.17
C PHE B 509 33.48 16.31 -6.97
N PHE B 510 34.79 16.36 -7.15
CA PHE B 510 35.49 17.64 -7.09
C PHE B 510 35.06 18.55 -8.23
N THR B 511 35.11 18.04 -9.45
CA THR B 511 34.78 18.85 -10.64
C THR B 511 33.41 19.57 -10.51
N SER B 512 32.39 18.82 -10.09
CA SER B 512 31.05 19.37 -9.95
C SER B 512 30.88 20.30 -8.74
N ARG B 513 31.88 20.35 -7.84
CA ARG B 513 31.82 21.23 -6.69
C ARG B 513 33.07 22.05 -6.61
N ARG B 514 33.71 22.27 -7.77
CA ARG B 514 35.03 22.90 -7.76
C ARG B 514 35.13 24.22 -6.98
N PRO B 515 34.34 25.26 -7.39
CA PRO B 515 34.43 26.58 -6.74
C PRO B 515 34.15 26.52 -5.23
N ALA B 516 33.24 25.65 -4.82
CA ALA B 516 32.89 25.51 -3.43
C ALA B 516 34.09 24.97 -2.67
N LEU B 517 34.57 23.83 -3.18
CA LEU B 517 35.70 23.14 -2.62
C LEU B 517 36.89 24.07 -2.51
N GLU B 518 37.20 24.72 -3.63
CA GLU B 518 38.34 25.59 -3.72
C GLU B 518 38.32 26.61 -2.62
N ALA B 519 37.15 27.21 -2.44
CA ALA B 519 36.91 28.22 -1.42
C ALA B 519 37.10 27.62 -0.02
N ARG B 520 36.39 26.52 0.23
CA ARG B 520 36.47 25.86 1.52
C ARG B 520 37.89 25.50 1.89
N LEU B 521 38.62 25.03 0.89
CA LEU B 521 39.96 24.56 1.12
C LEU B 521 40.82 25.76 1.47
N GLN B 522 40.73 26.80 0.65
CA GLN B 522 41.48 28.03 0.88
C GLN B 522 41.23 28.49 2.30
N LEU B 523 39.96 28.41 2.70
CA LEU B 523 39.48 28.91 3.98
C LEU B 523 40.03 28.12 5.18
N ILE B 524 40.09 26.80 5.00
CA ILE B 524 40.65 25.95 6.03
C ILE B 524 42.14 26.20 6.15
N HIS B 525 42.78 26.35 4.99
CA HIS B 525 44.19 26.56 4.93
C HIS B 525 44.59 27.73 5.80
N ASP B 526 43.71 28.73 5.90
CA ASP B 526 44.06 29.98 6.59
C ASP B 526 43.39 30.13 7.93
N ALA B 527 42.61 29.13 8.34
CA ALA B 527 41.86 29.21 9.60
C ALA B 527 42.76 29.06 10.83
N PRO B 528 42.71 30.03 11.77
CA PRO B 528 43.43 29.85 13.05
C PRO B 528 42.86 28.70 13.87
N GLU B 529 43.58 28.32 14.92
CA GLU B 529 43.27 27.09 15.66
C GLU B 529 41.98 27.16 16.50
N GLU B 530 41.01 27.95 16.06
CA GLU B 530 39.80 28.19 16.84
C GLU B 530 38.57 28.29 15.95
N SER B 531 38.79 28.71 14.70
CA SER B 531 37.76 28.75 13.69
C SER B 531 37.46 27.31 13.28
N LEU B 532 38.53 26.55 13.09
CA LEU B 532 38.46 25.10 12.92
C LEU B 532 37.76 24.50 14.13
N ARG B 533 38.29 24.74 15.34
CA ARG B 533 37.61 24.27 16.53
C ARG B 533 36.11 24.56 16.55
N ALA B 534 35.71 25.73 16.06
CA ALA B 534 34.30 26.08 15.97
C ALA B 534 33.55 25.49 14.75
N TRP B 535 34.20 25.40 13.58
CA TRP B 535 33.57 24.73 12.41
C TRP B 535 33.17 23.30 12.70
N VAL B 536 34.11 22.57 13.29
CA VAL B 536 33.93 21.20 13.73
C VAL B 536 32.73 21.09 14.67
N ALA B 537 32.78 21.88 15.74
CA ALA B 537 31.70 21.89 16.72
C ALA B 537 30.34 22.12 16.04
N ALA B 538 30.30 23.05 15.09
CA ALA B 538 29.04 23.39 14.40
C ALA B 538 28.42 22.16 13.76
N THR B 539 29.20 21.48 12.92
CA THR B 539 28.77 20.26 12.23
C THR B 539 28.45 19.16 13.22
N TRP B 540 29.36 18.90 14.15
CA TRP B 540 29.16 17.87 15.16
C TRP B 540 27.77 17.99 15.77
N HIS B 541 27.43 19.19 16.23
CA HIS B 541 26.19 19.40 16.94
C HIS B 541 24.97 19.33 16.05
N GLU B 542 25.08 19.84 14.83
CA GLU B 542 23.98 19.75 13.87
C GLU B 542 23.80 18.31 13.38
N GLN B 543 24.90 17.57 13.20
CA GLN B 543 24.81 16.29 12.51
C GLN B 543 25.00 15.03 13.35
N GLU B 544 25.37 15.15 14.63
CA GLU B 544 25.75 13.96 15.40
C GLU B 544 24.81 12.76 15.19
N GLY B 545 25.39 11.58 14.98
CA GLY B 545 24.58 10.39 14.78
C GLY B 545 24.18 10.14 13.34
N ARG B 546 24.00 11.21 12.55
CA ARG B 546 23.60 11.02 11.16
C ARG B 546 24.55 10.06 10.43
N VAL B 547 23.96 9.18 9.63
CA VAL B 547 24.75 8.18 8.97
C VAL B 547 25.42 8.78 7.74
N ALA B 548 26.71 9.02 7.83
CA ALA B 548 27.45 9.49 6.67
C ALA B 548 28.74 8.72 6.58
N SER B 549 29.01 8.28 5.35
CA SER B 549 30.02 7.25 5.09
C SER B 549 31.42 7.70 5.52
N LEU B 550 31.71 8.99 5.41
CA LEU B 550 33.01 9.51 5.78
C LEU B 550 33.24 9.57 7.29
N VAL B 551 32.17 9.66 8.06
CA VAL B 551 32.29 10.12 9.44
C VAL B 551 32.01 9.00 10.41
N SER B 552 32.87 8.78 11.39
CA SER B 552 32.57 7.81 12.43
C SER B 552 32.39 8.53 13.73
N TRP B 553 31.16 8.56 14.21
CA TRP B 553 30.83 9.37 15.37
C TRP B 553 31.64 8.95 16.59
N ASP B 554 31.95 7.67 16.72
CA ASP B 554 32.78 7.24 17.85
C ASP B 554 34.26 7.09 17.51
N ARG B 555 34.68 7.54 16.34
CA ARG B 555 36.09 7.50 15.98
C ARG B 555 36.92 8.31 16.98
N PHE B 556 36.40 9.47 17.40
CA PHE B 556 36.94 10.27 18.50
C PHE B 556 36.09 10.01 19.74
N THR B 557 36.70 10.11 20.91
CA THR B 557 36.00 9.81 22.17
C THR B 557 35.05 10.90 22.69
N SER B 558 35.12 12.09 22.09
CA SER B 558 34.20 13.19 22.35
C SER B 558 34.44 14.26 21.28
N LEU B 559 33.53 15.24 21.16
CA LEU B 559 33.75 16.37 20.26
C LEU B 559 35.08 17.03 20.59
N GLN B 560 35.34 17.19 21.89
CA GLN B 560 36.51 17.97 22.33
C GLN B 560 37.85 17.37 21.90
N GLN B 561 37.88 16.05 21.77
CA GLN B 561 39.08 15.39 21.27
C GLN B 561 39.29 15.68 19.78
N ALA B 562 38.21 15.69 19.00
CA ALA B 562 38.34 16.08 17.58
C ALA B 562 38.88 17.50 17.48
N GLN B 563 38.36 18.38 18.34
CA GLN B 563 38.80 19.76 18.37
C GLN B 563 40.25 19.86 18.78
N ASP B 564 40.60 19.14 19.86
CA ASP B 564 41.97 19.09 20.39
C ASP B 564 42.94 18.76 19.27
N LEU B 565 42.57 17.76 18.45
CA LEU B 565 43.41 17.32 17.36
C LEU B 565 43.50 18.30 16.18
N VAL B 566 42.37 18.72 15.63
CA VAL B 566 42.38 19.70 14.51
C VAL B 566 43.18 20.96 14.87
N SER B 567 43.25 21.28 16.17
CA SER B 567 44.06 22.39 16.63
C SER B 567 45.52 22.10 16.37
N CYS B 568 45.97 20.90 16.72
CA CYS B 568 47.36 20.48 16.51
C CYS B 568 47.76 20.40 15.04
N LEU B 569 46.96 19.71 14.25
CA LEU B 569 47.21 19.63 12.82
C LEU B 569 47.35 21.02 12.18
N GLY B 570 46.41 21.90 12.49
CA GLY B 570 46.36 23.21 11.86
C GLY B 570 45.93 23.25 10.40
N GLY B 571 45.46 24.43 9.98
CA GLY B 571 44.92 24.76 8.66
C GLY B 571 45.47 24.08 7.42
N PRO B 572 46.75 24.34 7.08
CA PRO B 572 47.33 23.83 5.83
C PRO B 572 47.40 22.28 5.71
N VAL B 573 47.80 21.62 6.81
CA VAL B 573 47.83 20.16 6.90
C VAL B 573 46.42 19.63 6.66
N LEU B 574 45.50 20.02 7.53
CA LEU B 574 44.11 19.61 7.39
C LEU B 574 43.61 19.87 5.97
N SER B 575 43.92 21.07 5.48
CA SER B 575 43.50 21.54 4.16
C SER B 575 44.00 20.66 3.03
N GLY B 576 45.26 20.21 3.15
CA GLY B 576 45.86 19.33 2.15
C GLY B 576 45.24 17.94 2.16
N VAL B 577 45.17 17.33 3.34
CA VAL B 577 44.55 16.02 3.44
C VAL B 577 43.18 16.08 2.77
N CYS B 578 42.31 16.98 3.25
CA CYS B 578 41.02 17.18 2.60
C CYS B 578 41.12 17.35 1.10
N ARG B 579 42.11 18.10 0.62
CA ARG B 579 42.21 18.33 -0.81
C ARG B 579 42.29 16.99 -1.55
N HIS B 580 43.16 16.11 -1.05
CA HIS B 580 43.33 14.77 -1.65
C HIS B 580 42.06 13.97 -1.56
N LEU B 581 41.54 13.83 -0.34
CA LEU B 581 40.39 12.97 -0.14
C LEU B 581 39.26 13.39 -1.06
N ALA B 582 39.21 14.68 -1.39
CA ALA B 582 38.16 15.21 -2.28
C ALA B 582 38.46 14.97 -3.76
N ALA B 583 39.71 15.22 -4.16
CA ALA B 583 40.13 15.09 -5.54
C ALA B 583 40.02 13.65 -5.99
N ASP B 584 40.33 12.73 -5.07
CA ASP B 584 40.51 11.34 -5.42
C ASP B 584 40.30 10.33 -4.27
N PHE B 585 39.15 10.36 -3.63
CA PHE B 585 38.87 9.44 -2.54
C PHE B 585 39.06 7.99 -2.98
N ARG B 586 38.71 7.75 -4.25
CA ARG B 586 38.70 6.40 -4.81
C ARG B 586 40.06 5.74 -4.69
N HIS B 587 41.10 6.50 -4.99
CA HIS B 587 42.45 6.04 -4.90
C HIS B 587 43.23 6.56 -3.67
N CYS B 588 42.62 7.39 -2.83
CA CYS B 588 43.36 8.00 -1.69
C CYS B 588 42.93 7.52 -0.32
N ARG B 589 41.70 7.01 -0.25
CA ARG B 589 41.12 6.63 1.04
C ARG B 589 41.96 5.63 1.82
N GLY B 590 42.78 4.86 1.13
CA GLY B 590 43.61 3.82 1.75
C GLY B 590 45.08 4.20 1.91
N GLY B 591 45.69 3.68 2.97
CA GLY B 591 47.11 3.84 3.15
C GLY B 591 47.54 4.96 4.08
N LEU B 592 46.62 5.57 4.81
CA LEU B 592 47.05 6.53 5.81
C LEU B 592 47.58 5.77 7.01
N PRO B 593 48.52 6.37 7.76
CA PRO B 593 49.16 5.78 8.94
C PRO B 593 48.22 5.28 10.03
N ASP B 594 48.57 4.18 10.68
CA ASP B 594 47.72 3.57 11.70
C ASP B 594 47.34 4.59 12.77
N LEU B 595 48.33 5.40 13.15
CA LEU B 595 48.29 6.21 14.37
C LEU B 595 48.42 7.72 14.14
N VAL B 596 47.79 8.50 15.02
CA VAL B 596 48.06 9.93 15.17
C VAL B 596 48.33 10.16 16.64
N VAL B 597 49.49 10.72 16.94
CA VAL B 597 49.90 10.99 18.33
C VAL B 597 50.32 12.45 18.54
N TRP B 598 49.94 13.02 19.68
CA TRP B 598 50.16 14.42 19.92
C TRP B 598 50.37 14.76 21.39
N ASN B 599 51.14 15.81 21.61
CA ASN B 599 51.37 16.36 22.95
C ASN B 599 50.37 17.46 23.22
N SER B 600 49.62 17.29 24.30
CA SER B 600 48.51 18.18 24.63
C SER B 600 48.99 19.63 24.79
N GLN B 601 50.06 19.81 25.56
CA GLN B 601 50.63 21.13 25.80
C GLN B 601 51.40 21.69 24.60
N SER B 602 52.43 20.97 24.13
CA SER B 602 53.32 21.50 23.08
C SER B 602 52.64 21.54 21.70
N ARG B 603 51.51 20.86 21.58
CA ARG B 603 50.70 20.85 20.36
C ARG B 603 51.43 20.14 19.19
N HIS B 604 52.62 19.61 19.46
CA HIS B 604 53.41 18.87 18.48
C HIS B 604 52.72 17.55 18.21
N PHE B 605 52.84 17.05 16.99
CA PHE B 605 52.19 15.79 16.63
C PHE B 605 52.99 14.97 15.63
N LYS B 606 52.73 13.66 15.65
CA LYS B 606 53.38 12.73 14.75
C LYS B 606 52.37 11.77 14.11
N LEU B 607 52.61 11.44 12.84
CA LEU B 607 51.80 10.45 12.09
C LEU B 607 52.60 9.16 11.89
N VAL B 608 52.14 8.10 12.53
CA VAL B 608 52.97 6.90 12.72
C VAL B 608 52.34 5.63 12.16
N GLU B 609 53.00 5.04 11.15
CA GLU B 609 52.61 3.71 10.66
C GLU B 609 53.34 2.63 11.45
N VAL B 610 52.57 1.77 12.11
CA VAL B 610 53.11 0.66 12.89
C VAL B 610 53.19 -0.59 12.04
N LYS B 611 54.41 -1.11 11.96
CA LYS B 611 54.75 -2.28 11.17
C LYS B 611 55.29 -3.34 12.10
N GLY B 612 54.57 -4.47 12.20
CA GLY B 612 55.01 -5.59 13.02
C GLY B 612 56.26 -6.25 12.45
N PRO B 613 56.74 -7.33 13.09
CA PRO B 613 57.88 -8.06 12.54
C PRO B 613 57.63 -8.52 11.11
N ASN B 614 56.41 -8.97 10.84
CA ASN B 614 56.06 -9.61 9.57
C ASN B 614 55.57 -8.73 8.41
N ASP B 615 55.67 -7.40 8.51
CA ASP B 615 55.26 -6.55 7.38
C ASP B 615 56.09 -5.29 7.09
N ARG B 616 56.06 -4.90 5.82
CA ARG B 616 56.67 -3.68 5.33
C ARG B 616 55.59 -2.80 4.71
N LEU B 617 55.98 -1.66 4.16
CA LEU B 617 55.04 -0.66 3.65
C LEU B 617 54.43 -1.09 2.34
N SER B 618 53.12 -0.95 2.23
CA SER B 618 52.45 -1.07 0.94
C SER B 618 52.84 0.15 0.10
N HIS B 619 52.50 0.15 -1.19
CA HIS B 619 52.75 1.33 -2.05
C HIS B 619 51.92 2.55 -1.65
N LYS B 620 50.61 2.36 -1.53
CA LYS B 620 49.72 3.38 -0.99
C LYS B 620 50.30 4.04 0.27
N GLN B 621 50.72 3.22 1.23
CA GLN B 621 51.31 3.72 2.46
C GLN B 621 52.49 4.70 2.26
N MET B 622 53.40 4.35 1.36
CA MET B 622 54.56 5.22 1.14
C MET B 622 54.13 6.50 0.41
N ILE B 623 53.26 6.39 -0.60
CA ILE B 623 52.75 7.59 -1.26
C ILE B 623 52.20 8.56 -0.22
N TRP B 624 51.40 8.05 0.71
CA TRP B 624 50.79 8.91 1.74
C TRP B 624 51.79 9.56 2.65
N LEU B 625 52.80 8.80 3.08
CA LEU B 625 53.80 9.33 4.01
C LEU B 625 54.60 10.42 3.33
N ALA B 626 54.76 10.26 2.01
CA ALA B 626 55.44 11.23 1.17
C ALA B 626 54.62 12.51 1.16
N GLU B 627 53.37 12.32 0.80
CA GLU B 627 52.39 13.37 0.71
C GLU B 627 52.20 14.17 2.01
N LEU B 628 52.16 13.47 3.14
CA LEU B 628 52.00 14.09 4.44
C LEU B 628 53.22 14.92 4.83
N GLN B 629 54.38 14.43 4.44
CA GLN B 629 55.62 15.11 4.69
C GLN B 629 55.69 16.42 3.88
N LYS B 630 55.28 16.36 2.61
CA LYS B 630 55.13 17.55 1.75
C LYS B 630 54.24 18.63 2.34
N LEU B 631 53.35 18.23 3.23
CA LEU B 631 52.48 19.18 3.91
C LEU B 631 53.11 19.64 5.22
N GLY B 632 54.31 19.16 5.50
CA GLY B 632 55.05 19.57 6.67
C GLY B 632 54.51 18.90 7.92
N ALA B 633 54.36 17.59 7.86
CA ALA B 633 53.94 16.83 9.03
C ALA B 633 55.02 15.84 9.44
N GLU B 634 55.25 15.74 10.75
CA GLU B 634 56.11 14.71 11.32
C GLU B 634 55.54 13.33 11.02
N VAL B 635 56.23 12.57 10.17
CA VAL B 635 55.82 11.21 9.83
C VAL B 635 56.90 10.18 10.17
N GLU B 636 56.46 8.98 10.56
CA GLU B 636 57.34 8.01 11.17
C GLU B 636 56.84 6.57 11.00
N VAL B 637 57.75 5.66 10.63
CA VAL B 637 57.44 4.22 10.61
C VAL B 637 58.01 3.55 11.86
N CYS B 638 57.14 2.91 12.61
CA CYS B 638 57.53 2.29 13.86
C CYS B 638 57.49 0.79 13.65
N HIS B 639 58.67 0.18 13.64
CA HIS B 639 58.77 -1.27 13.54
C HIS B 639 58.80 -1.88 14.91
N VAL B 640 58.11 -3.00 15.06
CA VAL B 640 58.16 -3.77 16.30
C VAL B 640 58.88 -5.10 16.04
N VAL B 641 59.86 -5.40 16.89
CA VAL B 641 60.60 -6.66 16.83
C VAL B 641 60.33 -7.46 18.10
N ALA B 642 59.92 -8.71 17.94
CA ALA B 642 59.55 -9.56 19.06
C ALA B 642 60.76 -9.95 19.89
N VAL B 643 60.51 -10.33 21.15
CA VAL B 643 61.53 -10.98 21.98
C VAL B 643 61.01 -12.33 22.45
#